data_8SFS
#
_entry.id   8SFS
#
_cell.length_a   131.772
_cell.length_b   131.772
_cell.length_c   153.580
_cell.angle_alpha   90.00
_cell.angle_beta   90.00
_cell.angle_gamma   120.00
#
_symmetry.space_group_name_H-M   'P 31 2 1'
#
loop_
_entity.id
_entity.type
_entity.pdbx_description
1 polymer 'Green fluorescent protein'
2 polymer LaG16
3 non-polymer 'AMMONIUM ION'
4 non-polymer GLYCEROL
5 non-polymer 'CHLORIDE ION'
6 non-polymer 'SULFATE ION'
7 non-polymer 'SODIUM ION'
8 water water
#
loop_
_entity_poly.entity_id
_entity_poly.type
_entity_poly.pdbx_seq_one_letter_code
_entity_poly.pdbx_strand_id
1 'polypeptide(L)'
;MASKGEELFTGVVPILVELDGDVNGHKFSVSGEGEGDATYGKLTLKFICTTGKLPVPWPTLVTTF(CR2)VQCFARYPDH
MKQHDFFKSAMPEGYVQERTIFFKDDGNYKTRAEVKFEGDTLVNRIELKGIDFKEDGNILGHKLEYNYNSHNVYIMADKQ
KNGIKVNFKIRHNIEDGSVQLADHYQQNTPIGDGPVLLPDNHYLSTQSALSKDPNEKRDHMVLLEFVTAAGITHGMDELY
KGLEVLFQGPSHHHHHH
;
A,B
2 'polypeptide(L)'
;GSMAQVQLVESGGRLVQAGDSLRLSCAASGRTFSTSAMAWFRQAPGREREFVAAITWTVGNTILGDSVKGRFTISRDRAK
NTVDLQMDNLEPEDTAVYYCSARSRGYVLSVLRSVDSYDYWGQGTQVTVSGLEVLFQGPSLEHHHHHH
;
D,C
#
loop_
_chem_comp.id
_chem_comp.type
_chem_comp.name
_chem_comp.formula
CL non-polymer 'CHLORIDE ION' 'Cl -1'
GOL non-polymer GLYCEROL 'C3 H8 O3'
NA non-polymer 'SODIUM ION' 'Na 1'
NH4 non-polymer 'AMMONIUM ION' 'H4 N 1'
SO4 non-polymer 'SULFATE ION' 'O4 S -2'
#
# COMPACT_ATOMS: atom_id res chain seq x y z
N LYS A 4 -4.28 -39.62 7.61
CA LYS A 4 -4.78 -38.25 7.49
C LYS A 4 -3.93 -37.43 6.53
N GLY A 5 -4.62 -36.80 5.58
CA GLY A 5 -3.97 -35.98 4.58
C GLY A 5 -3.30 -34.73 5.12
N GLU A 6 -3.75 -34.22 6.26
CA GLU A 6 -3.06 -33.10 6.93
C GLU A 6 -1.55 -33.32 6.92
N GLU A 7 -1.15 -34.59 7.05
CA GLU A 7 0.26 -34.93 7.13
C GLU A 7 1.03 -34.46 5.90
N LEU A 8 0.43 -34.52 4.72
CA LEU A 8 1.14 -34.11 3.52
C LEU A 8 1.50 -32.62 3.49
N PHE A 9 0.92 -31.78 4.37
CA PHE A 9 0.99 -30.34 4.24
C PHE A 9 1.84 -29.66 5.32
N THR A 10 2.57 -30.43 6.13
CA THR A 10 3.29 -29.84 7.26
C THR A 10 4.53 -29.08 6.83
N GLY A 11 5.05 -29.32 5.61
CA GLY A 11 6.17 -28.55 5.11
C GLY A 11 5.79 -27.75 3.88
N VAL A 12 6.79 -27.30 3.09
CA VAL A 12 6.55 -26.59 1.84
C VAL A 12 6.32 -27.61 0.74
N VAL A 13 5.27 -27.38 -0.06
CA VAL A 13 4.78 -28.32 -1.07
C VAL A 13 4.86 -27.65 -2.43
N PRO A 14 5.57 -28.21 -3.39
CA PRO A 14 5.57 -27.59 -4.73
C PRO A 14 4.23 -27.77 -5.44
N ILE A 15 3.92 -26.85 -6.34
CA ILE A 15 2.62 -26.79 -7.00
C ILE A 15 2.81 -26.64 -8.50
N LEU A 16 1.98 -27.33 -9.27
CA LEU A 16 1.85 -27.11 -10.70
C LEU A 16 0.40 -26.78 -11.00
N VAL A 17 0.17 -25.84 -11.92
CA VAL A 17 -1.17 -25.41 -12.31
C VAL A 17 -1.24 -25.42 -13.84
N GLU A 18 -2.37 -25.89 -14.37
CA GLU A 18 -2.60 -25.94 -15.82
C GLU A 18 -4.05 -25.62 -16.08
N LEU A 19 -4.30 -24.66 -16.98
CA LEU A 19 -5.64 -24.21 -17.28
C LEU A 19 -5.80 -24.11 -18.78
N ASP A 20 -6.89 -24.70 -19.27
CA ASP A 20 -7.33 -24.55 -20.65
C ASP A 20 -8.63 -23.77 -20.64
N GLY A 21 -8.70 -22.70 -21.42
CA GLY A 21 -9.81 -21.78 -21.32
C GLY A 21 -10.33 -21.38 -22.69
N ASP A 22 -11.57 -20.89 -22.67
CA ASP A 22 -12.27 -20.43 -23.86
C ASP A 22 -13.33 -19.46 -23.37
N VAL A 23 -13.18 -18.18 -23.70
CA VAL A 23 -14.10 -17.12 -23.31
C VAL A 23 -14.57 -16.43 -24.58
N ASN A 24 -15.88 -16.46 -24.84
CA ASN A 24 -16.43 -15.87 -26.06
C ASN A 24 -15.62 -16.35 -27.28
N GLY A 25 -15.30 -17.64 -27.33
CA GLY A 25 -14.57 -18.18 -28.45
C GLY A 25 -13.06 -17.98 -28.43
N HIS A 26 -12.52 -17.16 -27.53
CA HIS A 26 -11.08 -16.93 -27.49
C HIS A 26 -10.44 -18.02 -26.64
N LYS A 27 -9.63 -18.88 -27.27
CA LYS A 27 -8.98 -19.95 -26.57
C LYS A 27 -7.61 -19.50 -26.07
N PHE A 28 -7.17 -20.10 -24.96
CA PHE A 28 -5.89 -19.76 -24.34
C PHE A 28 -5.57 -20.86 -23.35
N SER A 29 -4.29 -21.00 -23.05
CA SER A 29 -3.79 -21.91 -22.05
C SER A 29 -2.86 -21.16 -21.11
N VAL A 30 -2.81 -21.60 -19.86
CA VAL A 30 -1.93 -21.01 -18.87
C VAL A 30 -1.26 -22.16 -18.12
N SER A 31 0.02 -21.98 -17.79
CA SER A 31 0.71 -22.88 -16.89
C SER A 31 1.27 -22.07 -15.74
N GLY A 32 1.51 -22.74 -14.62
CA GLY A 32 1.88 -22.07 -13.40
C GLY A 32 2.69 -23.00 -12.51
N GLU A 33 3.49 -22.38 -11.67
CA GLU A 33 4.25 -23.16 -10.72
C GLU A 33 4.55 -22.29 -9.52
N GLY A 34 4.90 -22.95 -8.43
CA GLY A 34 5.21 -22.23 -7.23
C GLY A 34 5.17 -23.21 -6.09
N GLU A 35 4.66 -22.77 -4.95
CA GLU A 35 4.64 -23.62 -3.79
C GLU A 35 3.67 -23.05 -2.78
N GLY A 36 3.21 -23.92 -1.89
CA GLY A 36 2.32 -23.53 -0.83
C GLY A 36 2.84 -24.06 0.49
N ASP A 37 2.52 -23.32 1.56
CA ASP A 37 2.93 -23.68 2.92
C ASP A 37 1.71 -23.53 3.82
N ALA A 38 1.05 -24.64 4.15
CA ALA A 38 -0.20 -24.54 4.91
C ALA A 38 0.05 -24.15 6.35
N THR A 39 1.25 -24.35 6.86
CA THR A 39 1.51 -23.97 8.23
C THR A 39 1.44 -22.46 8.41
N TYR A 40 1.82 -21.69 7.38
CA TYR A 40 1.65 -20.24 7.35
C TYR A 40 0.37 -19.81 6.65
N GLY A 41 -0.30 -20.69 5.90
CA GLY A 41 -1.41 -20.25 5.08
C GLY A 41 -0.97 -19.51 3.85
N LYS A 42 0.20 -19.85 3.32
CA LYS A 42 0.86 -19.05 2.30
C LYS A 42 0.96 -19.82 0.99
N LEU A 43 0.72 -19.11 -0.10
CA LEU A 43 0.77 -19.67 -1.43
C LEU A 43 1.47 -18.65 -2.34
N THR A 44 2.44 -19.09 -3.14
CA THR A 44 3.13 -18.23 -4.10
C THR A 44 3.16 -18.94 -5.44
N LEU A 45 2.68 -18.27 -6.48
CA LEU A 45 2.51 -18.91 -7.77
C LEU A 45 2.87 -17.91 -8.87
N LYS A 46 3.50 -18.40 -9.93
CA LYS A 46 3.71 -17.58 -11.12
C LYS A 46 3.09 -18.25 -12.33
N PHE A 47 2.33 -17.47 -13.12
CA PHE A 47 1.59 -17.98 -14.28
C PHE A 47 2.07 -17.35 -15.57
N ILE A 48 2.11 -18.16 -16.63
CA ILE A 48 2.46 -17.74 -17.98
C ILE A 48 1.33 -18.10 -18.93
N CYS A 49 0.90 -17.15 -19.76
CA CYS A 49 -0.04 -17.48 -20.83
C CYS A 49 0.73 -18.05 -22.00
N THR A 50 0.67 -19.37 -22.18
CA THR A 50 1.53 -20.03 -23.15
C THR A 50 1.07 -19.87 -24.60
N THR A 51 -0.11 -19.29 -24.83
CA THR A 51 -0.67 -19.12 -26.16
C THR A 51 -0.55 -17.68 -26.69
N GLY A 52 0.13 -16.81 -25.94
CA GLY A 52 0.25 -15.41 -26.35
C GLY A 52 -0.25 -14.43 -25.32
N LYS A 53 -1.26 -13.64 -25.69
CA LYS A 53 -1.91 -12.71 -24.80
C LYS A 53 -3.12 -13.37 -24.15
N LEU A 54 -3.30 -13.10 -22.88
CA LEU A 54 -4.49 -13.54 -22.19
C LEU A 54 -5.69 -12.72 -22.67
N PRO A 55 -6.77 -13.34 -23.16
CA PRO A 55 -7.91 -12.54 -23.66
C PRO A 55 -8.78 -11.95 -22.58
N VAL A 56 -8.55 -12.28 -21.31
CA VAL A 56 -9.29 -11.71 -20.19
C VAL A 56 -8.30 -11.10 -19.21
N PRO A 57 -8.76 -10.28 -18.27
CA PRO A 57 -7.84 -9.73 -17.27
C PRO A 57 -7.37 -10.81 -16.30
N TRP A 58 -6.08 -10.75 -15.99
CA TRP A 58 -5.47 -11.69 -15.05
C TRP A 58 -6.19 -11.77 -13.72
N PRO A 59 -6.67 -10.67 -13.12
CA PRO A 59 -7.37 -10.81 -11.82
C PRO A 59 -8.64 -11.65 -11.90
N THR A 60 -9.30 -11.71 -13.07
CA THR A 60 -10.52 -12.51 -13.12
C THR A 60 -10.23 -14.00 -13.01
N LEU A 61 -8.98 -14.44 -13.19
CA LEU A 61 -8.62 -15.85 -13.08
C LEU A 61 -8.02 -16.23 -11.74
N VAL A 62 -7.85 -15.26 -10.82
CA VAL A 62 -7.11 -15.52 -9.58
C VAL A 62 -7.74 -16.68 -8.80
N THR A 63 -9.05 -16.62 -8.58
CA THR A 63 -9.69 -17.63 -7.76
C THR A 63 -9.71 -18.99 -8.44
N THR A 64 -9.66 -19.03 -9.78
CA THR A 64 -9.55 -20.32 -10.47
C THR A 64 -8.17 -20.93 -10.32
N PHE A 65 -7.12 -20.11 -10.32
CA PHE A 65 -5.74 -20.57 -10.24
C PHE A 65 -5.43 -20.98 -8.81
N1 CR2 A 66 -5.79 -20.49 -7.51
CA1 CR2 A 66 -5.84 -20.51 -6.06
C1 CR2 A 66 -7.28 -20.50 -5.56
N2 CR2 A 66 -7.80 -19.39 -4.87
N3 CR2 A 66 -8.24 -21.56 -5.72
C2 CR2 A 66 -9.54 -21.10 -5.07
O2 CR2 A 66 -10.68 -21.58 -5.02
CA2 CR2 A 66 -9.17 -19.68 -4.56
CA3 CR2 A 66 -7.95 -22.80 -6.41
C3 CR2 A 66 -7.36 -23.92 -5.55
O3 CR2 A 66 -7.40 -25.09 -6.05
CB2 CR2 A 66 -10.03 -18.93 -3.90
CG2 CR2 A 66 -9.87 -17.51 -3.44
CD1 CR2 A 66 -10.96 -16.90 -2.84
CD2 CR2 A 66 -8.76 -16.75 -3.79
CE1 CR2 A 66 -10.91 -15.56 -2.50
CE2 CR2 A 66 -8.71 -15.40 -3.43
CZ CR2 A 66 -9.78 -14.80 -2.79
OH CR2 A 66 -9.74 -13.44 -2.43
N VAL A 67 -6.20 -23.51 -4.83
CA VAL A 67 -5.77 -24.69 -4.06
C VAL A 67 -5.99 -24.44 -2.58
N GLN A 68 -7.24 -24.50 -2.15
CA GLN A 68 -7.53 -24.08 -0.79
C GLN A 68 -7.08 -25.09 0.25
N CYS A 69 -6.49 -26.20 -0.16
CA CYS A 69 -5.84 -27.05 0.82
C CYS A 69 -4.62 -26.38 1.43
N PHE A 70 -4.23 -25.20 0.95
CA PHE A 70 -3.10 -24.51 1.56
C PHE A 70 -3.55 -23.48 2.60
N ALA A 71 -4.84 -23.41 2.88
CA ALA A 71 -5.27 -22.61 4.01
C ALA A 71 -4.59 -23.08 5.29
N ARG A 72 -4.44 -22.16 6.23
CA ARG A 72 -4.04 -22.52 7.58
C ARG A 72 -5.29 -22.72 8.40
N TYR A 73 -5.52 -23.95 8.84
CA TYR A 73 -6.61 -24.25 9.74
C TYR A 73 -6.08 -24.20 11.17
N PRO A 74 -6.52 -23.22 11.97
CA PRO A 74 -6.15 -23.21 13.39
C PRO A 74 -6.45 -24.55 14.03
N ASP A 75 -5.62 -24.92 15.01
CA ASP A 75 -5.71 -26.25 15.60
C ASP A 75 -7.12 -26.59 16.05
N HIS A 76 -7.84 -25.65 16.67
CA HIS A 76 -9.18 -26.01 17.13
C HIS A 76 -10.17 -26.26 15.98
N MET A 77 -9.78 -26.02 14.73
CA MET A 77 -10.65 -26.26 13.57
C MET A 77 -10.15 -27.40 12.70
N LYS A 78 -9.17 -28.19 13.13
CA LYS A 78 -8.64 -29.17 12.20
C LYS A 78 -9.70 -30.20 11.81
N GLN A 79 -10.77 -30.30 12.60
CA GLN A 79 -11.91 -31.18 12.33
C GLN A 79 -12.71 -30.77 11.11
N HIS A 80 -12.38 -29.64 10.49
CA HIS A 80 -13.24 -29.04 9.46
C HIS A 80 -12.46 -28.71 8.19
N ASP A 81 -11.22 -29.18 8.08
CA ASP A 81 -10.39 -29.00 6.90
C ASP A 81 -10.68 -30.15 5.94
N PHE A 82 -11.69 -29.96 5.12
CA PHE A 82 -12.06 -30.96 4.15
C PHE A 82 -11.02 -31.07 3.04
N PHE A 83 -10.46 -29.93 2.62
CA PHE A 83 -9.49 -29.91 1.53
C PHE A 83 -8.31 -30.84 1.84
N LYS A 84 -7.66 -30.64 2.96
CA LYS A 84 -6.56 -31.54 3.30
C LYS A 84 -7.04 -32.96 3.42
N SER A 85 -8.22 -33.18 4.01
CA SER A 85 -8.58 -34.57 4.31
C SER A 85 -8.76 -35.39 3.05
N ALA A 86 -8.95 -34.75 1.90
CA ALA A 86 -9.19 -35.46 0.66
C ALA A 86 -7.91 -35.90 -0.03
N MET A 87 -6.75 -35.35 0.36
CA MET A 87 -5.50 -35.74 -0.29
C MET A 87 -4.93 -36.98 0.37
N PRO A 88 -4.06 -37.72 -0.32
CA PRO A 88 -3.50 -37.40 -1.64
C PRO A 88 -4.46 -37.61 -2.81
N GLU A 89 -5.45 -38.50 -2.65
CA GLU A 89 -6.37 -38.80 -3.76
C GLU A 89 -6.90 -37.54 -4.45
N GLY A 90 -7.22 -36.50 -3.67
CA GLY A 90 -7.56 -35.20 -4.24
C GLY A 90 -9.06 -34.95 -4.31
N TYR A 91 -9.43 -33.83 -4.93
CA TYR A 91 -10.83 -33.46 -4.99
C TYR A 91 -11.15 -32.65 -6.25
N VAL A 92 -12.42 -32.72 -6.68
CA VAL A 92 -12.95 -31.95 -7.81
C VAL A 92 -13.44 -30.60 -7.31
N GLN A 93 -13.08 -29.52 -8.01
CA GLN A 93 -13.57 -28.18 -7.69
C GLN A 93 -14.31 -27.64 -8.89
N GLU A 94 -15.58 -27.31 -8.71
CA GLU A 94 -16.38 -26.72 -9.77
C GLU A 94 -16.96 -25.41 -9.28
N ARG A 95 -16.94 -24.42 -10.14
CA ARG A 95 -17.49 -23.11 -9.83
C ARG A 95 -18.29 -22.65 -11.04
N THR A 96 -19.28 -21.78 -10.79
CA THR A 96 -19.80 -20.86 -11.77
C THR A 96 -19.61 -19.47 -11.19
N ILE A 97 -19.11 -18.54 -12.00
CA ILE A 97 -18.72 -17.21 -11.55
C ILE A 97 -19.53 -16.23 -12.39
N PHE A 98 -20.45 -15.51 -11.75
CA PHE A 98 -21.33 -14.57 -12.43
C PHE A 98 -20.79 -13.16 -12.29
N PHE A 99 -20.28 -12.60 -13.39
CA PHE A 99 -19.81 -11.22 -13.35
C PHE A 99 -21.00 -10.28 -13.50
N LYS A 100 -21.18 -9.38 -12.52
CA LYS A 100 -22.31 -8.46 -12.50
C LYS A 100 -22.43 -7.69 -13.82
N ASP A 101 -23.60 -7.79 -14.45
CA ASP A 101 -23.88 -7.10 -15.71
C ASP A 101 -22.98 -7.59 -16.84
N ASP A 102 -22.49 -8.82 -16.74
CA ASP A 102 -21.67 -9.36 -17.81
C ASP A 102 -21.88 -10.88 -17.85
N GLY A 103 -20.92 -11.60 -18.44
CA GLY A 103 -21.04 -13.03 -18.64
C GLY A 103 -20.56 -13.83 -17.43
N ASN A 104 -20.34 -15.12 -17.67
CA ASN A 104 -20.02 -16.01 -16.58
C ASN A 104 -18.90 -16.95 -16.99
N TYR A 105 -18.09 -17.32 -16.03
CA TYR A 105 -17.15 -18.42 -16.17
C TYR A 105 -17.77 -19.65 -15.55
N LYS A 106 -17.65 -20.79 -16.22
CA LYS A 106 -17.87 -22.09 -15.63
C LYS A 106 -16.52 -22.81 -15.62
N THR A 107 -16.17 -23.43 -14.48
CA THR A 107 -14.87 -24.08 -14.36
C THR A 107 -14.98 -25.47 -13.75
N ARG A 108 -14.05 -26.32 -14.16
CA ARG A 108 -13.95 -27.70 -13.73
C ARG A 108 -12.49 -27.98 -13.40
N ALA A 109 -12.19 -28.35 -12.16
CA ALA A 109 -10.80 -28.55 -11.76
C ALA A 109 -10.67 -29.81 -10.92
N GLU A 110 -9.50 -30.44 -10.99
CA GLU A 110 -9.12 -31.52 -10.08
C GLU A 110 -7.82 -31.12 -9.41
N VAL A 111 -7.80 -31.21 -8.08
CA VAL A 111 -6.65 -30.87 -7.26
C VAL A 111 -6.19 -32.15 -6.57
N LYS A 112 -4.94 -32.53 -6.77
CA LYS A 112 -4.47 -33.84 -6.29
C LYS A 112 -2.95 -33.87 -6.31
N PHE A 113 -2.38 -34.76 -5.49
CA PHE A 113 -0.95 -35.01 -5.50
C PHE A 113 -0.60 -35.97 -6.61
N GLU A 114 0.53 -35.69 -7.27
CA GLU A 114 1.24 -36.66 -8.09
C GLU A 114 2.64 -36.75 -7.46
N GLY A 115 2.80 -37.68 -6.50
CA GLY A 115 4.03 -37.72 -5.72
C GLY A 115 4.14 -36.54 -4.76
N ASP A 116 5.22 -35.77 -4.86
CA ASP A 116 5.38 -34.66 -3.93
C ASP A 116 4.79 -33.35 -4.44
N THR A 117 4.25 -33.29 -5.65
CA THR A 117 3.70 -32.06 -6.21
C THR A 117 2.18 -32.02 -6.13
N LEU A 118 1.64 -30.94 -5.57
CA LEU A 118 0.20 -30.67 -5.66
C LEU A 118 -0.09 -30.11 -7.05
N VAL A 119 -1.01 -30.77 -7.78
CA VAL A 119 -1.39 -30.41 -9.15
C VAL A 119 -2.83 -29.89 -9.18
N ASN A 120 -3.06 -28.81 -9.93
CA ASN A 120 -4.39 -28.22 -10.10
C ASN A 120 -4.63 -28.05 -11.61
N ARG A 121 -5.46 -28.93 -12.18
CA ARG A 121 -5.77 -28.92 -13.62
C ARG A 121 -7.17 -28.36 -13.82
N ILE A 122 -7.31 -27.35 -14.67
CA ILE A 122 -8.57 -26.62 -14.80
C ILE A 122 -9.00 -26.60 -16.25
N GLU A 123 -10.31 -26.71 -16.48
CA GLU A 123 -10.96 -26.28 -17.71
C GLU A 123 -11.91 -25.13 -17.41
N LEU A 124 -11.87 -24.09 -18.24
CA LEU A 124 -12.66 -22.90 -18.04
C LEU A 124 -13.42 -22.58 -19.32
N LYS A 125 -14.68 -22.16 -19.17
CA LYS A 125 -15.54 -21.78 -20.29
C LYS A 125 -16.30 -20.54 -19.88
N GLY A 126 -16.16 -19.48 -20.67
CA GLY A 126 -16.87 -18.22 -20.43
C GLY A 126 -17.68 -17.83 -21.64
N ILE A 127 -18.87 -17.26 -21.40
CA ILE A 127 -19.81 -16.96 -22.47
C ILE A 127 -20.59 -15.70 -22.12
N ASP A 128 -21.11 -15.04 -23.16
CA ASP A 128 -22.06 -13.93 -23.02
C ASP A 128 -21.44 -12.68 -22.42
N PHE A 129 -20.14 -12.50 -22.62
CA PHE A 129 -19.46 -11.29 -22.17
C PHE A 129 -19.64 -10.20 -23.21
N LYS A 130 -19.82 -8.97 -22.74
CA LYS A 130 -19.92 -7.81 -23.62
C LYS A 130 -18.55 -7.46 -24.16
N GLU A 131 -18.45 -7.17 -25.46
CA GLU A 131 -17.14 -6.81 -26.00
C GLU A 131 -16.66 -5.47 -25.47
N ASP A 132 -17.58 -4.66 -24.94
CA ASP A 132 -17.30 -3.37 -24.34
C ASP A 132 -17.13 -3.44 -22.82
N GLY A 133 -17.36 -4.60 -22.20
CA GLY A 133 -17.45 -4.67 -20.76
C GLY A 133 -16.10 -4.70 -20.06
N ASN A 134 -16.19 -4.67 -18.73
CA ASN A 134 -14.99 -4.59 -17.92
C ASN A 134 -14.03 -5.72 -18.21
N ILE A 135 -14.54 -6.90 -18.56
CA ILE A 135 -13.66 -8.05 -18.75
C ILE A 135 -13.02 -8.03 -20.13
N LEU A 136 -13.82 -8.09 -21.19
CA LEU A 136 -13.21 -8.20 -22.52
C LEU A 136 -12.57 -6.91 -22.96
N GLY A 137 -12.97 -5.78 -22.39
CA GLY A 137 -12.35 -4.50 -22.62
C GLY A 137 -11.21 -4.14 -21.70
N HIS A 138 -10.78 -5.09 -20.84
CA HIS A 138 -9.61 -4.97 -19.96
C HIS A 138 -9.61 -3.69 -19.12
N LYS A 139 -10.68 -3.49 -18.35
CA LYS A 139 -10.82 -2.32 -17.49
C LYS A 139 -10.60 -2.62 -16.01
N LEU A 140 -10.16 -3.82 -15.67
CA LEU A 140 -9.90 -4.16 -14.28
C LEU A 140 -8.51 -3.68 -13.86
N GLU A 141 -8.43 -3.09 -12.68
CA GLU A 141 -7.11 -2.81 -12.14
C GLU A 141 -6.36 -4.12 -11.86
N TYR A 142 -5.04 -4.07 -11.96
CA TYR A 142 -4.18 -5.22 -11.66
C TYR A 142 -3.87 -5.27 -10.17
N ASN A 143 -4.84 -5.77 -9.41
CA ASN A 143 -4.73 -5.81 -7.95
C ASN A 143 -5.84 -6.71 -7.43
N TYR A 144 -5.87 -6.88 -6.11
CA TYR A 144 -6.84 -7.78 -5.50
C TYR A 144 -7.10 -7.36 -4.06
N ASN A 145 -8.28 -7.73 -3.57
CA ASN A 145 -8.77 -7.33 -2.27
C ASN A 145 -8.98 -8.56 -1.40
N SER A 146 -9.37 -8.33 -0.13
CA SER A 146 -9.65 -9.38 0.82
C SER A 146 -11.12 -9.75 0.77
N HIS A 147 -11.38 -11.04 0.92
CA HIS A 147 -12.73 -11.59 0.93
C HIS A 147 -12.77 -12.75 1.92
N ASN A 148 -14.00 -13.05 2.36
CA ASN A 148 -14.29 -14.20 3.19
C ASN A 148 -14.96 -15.26 2.32
N VAL A 149 -14.46 -16.49 2.42
CA VAL A 149 -14.91 -17.61 1.59
C VAL A 149 -15.72 -18.52 2.50
N TYR A 150 -17.03 -18.61 2.25
CA TYR A 150 -17.96 -19.27 3.16
C TYR A 150 -18.14 -20.72 2.75
N ILE A 151 -17.89 -21.63 3.69
CA ILE A 151 -17.86 -23.07 3.45
C ILE A 151 -18.93 -23.74 4.31
N MET A 152 -19.73 -24.61 3.70
CA MET A 152 -20.68 -25.43 4.43
C MET A 152 -20.70 -26.82 3.85
N ALA A 153 -21.03 -27.80 4.68
CA ALA A 153 -21.02 -29.17 4.23
C ALA A 153 -22.20 -29.46 3.31
N ASP A 154 -22.03 -30.49 2.49
CA ASP A 154 -23.03 -30.96 1.52
C ASP A 154 -23.14 -32.47 1.68
N LYS A 155 -23.77 -32.92 2.78
CA LYS A 155 -23.67 -34.34 3.18
C LYS A 155 -24.08 -35.27 2.05
N GLN A 156 -25.05 -34.87 1.24
CA GLN A 156 -25.61 -35.74 0.21
C GLN A 156 -24.61 -36.01 -0.92
N LYS A 157 -23.75 -35.03 -1.24
CA LYS A 157 -22.67 -35.19 -2.21
C LYS A 157 -21.33 -35.58 -1.56
N ASN A 158 -21.31 -35.81 -0.24
CA ASN A 158 -20.08 -36.14 0.48
C ASN A 158 -19.00 -35.07 0.29
N GLY A 159 -19.43 -33.81 0.09
CA GLY A 159 -18.50 -32.73 -0.17
C GLY A 159 -18.81 -31.46 0.58
N ILE A 160 -18.53 -30.31 -0.04
CA ILE A 160 -18.79 -29.02 0.55
C ILE A 160 -19.38 -28.12 -0.52
N LYS A 161 -20.12 -27.10 -0.07
CA LYS A 161 -20.65 -26.03 -0.90
C LYS A 161 -20.02 -24.74 -0.41
N VAL A 162 -19.62 -23.87 -1.35
CA VAL A 162 -18.82 -22.70 -1.03
C VAL A 162 -19.35 -21.52 -1.85
N ASN A 163 -19.27 -20.33 -1.27
CA ASN A 163 -19.71 -19.15 -1.99
C ASN A 163 -19.01 -17.91 -1.44
N PHE A 164 -18.83 -16.92 -2.31
CA PHE A 164 -18.28 -15.63 -1.93
C PHE A 164 -18.50 -14.67 -3.08
N LYS A 165 -18.22 -13.39 -2.83
CA LYS A 165 -18.33 -12.29 -3.79
C LYS A 165 -16.98 -11.59 -3.88
N ILE A 166 -16.31 -11.75 -5.01
CA ILE A 166 -15.04 -11.06 -5.25
C ILE A 166 -15.34 -9.65 -5.75
N ARG A 167 -14.66 -8.65 -5.19
CA ARG A 167 -14.77 -7.28 -5.66
C ARG A 167 -13.57 -6.95 -6.55
N HIS A 168 -13.81 -6.74 -7.84
CA HIS A 168 -12.78 -6.34 -8.78
C HIS A 168 -12.81 -4.83 -8.95
N ASN A 169 -11.73 -4.16 -8.55
CA ASN A 169 -11.65 -2.71 -8.70
C ASN A 169 -11.48 -2.35 -10.17
N ILE A 170 -12.32 -1.46 -10.65
CA ILE A 170 -12.29 -1.02 -12.05
C ILE A 170 -11.48 0.26 -12.14
N GLU A 171 -10.82 0.45 -13.30
CA GLU A 171 -9.86 1.53 -13.42
C GLU A 171 -10.50 2.92 -13.32
N ASP A 172 -11.82 3.04 -13.40
CA ASP A 172 -12.47 4.33 -13.19
C ASP A 172 -13.01 4.50 -11.77
N GLY A 173 -12.63 3.63 -10.83
CA GLY A 173 -13.08 3.77 -9.47
C GLY A 173 -14.36 3.05 -9.11
N SER A 174 -15.02 2.41 -10.07
CA SER A 174 -16.16 1.57 -9.74
C SER A 174 -15.64 0.24 -9.22
N VAL A 175 -16.57 -0.67 -8.89
CA VAL A 175 -16.22 -2.03 -8.50
C VAL A 175 -17.11 -3.01 -9.23
N GLN A 176 -16.49 -4.02 -9.81
CA GLN A 176 -17.17 -5.07 -10.59
C GLN A 176 -17.22 -6.34 -9.74
N LEU A 177 -18.42 -6.73 -9.30
CA LEU A 177 -18.57 -7.92 -8.46
C LEU A 177 -18.55 -9.19 -9.31
N ALA A 178 -17.97 -10.25 -8.75
CA ALA A 178 -17.98 -11.55 -9.41
C ALA A 178 -18.47 -12.57 -8.39
N ASP A 179 -19.70 -13.06 -8.60
CA ASP A 179 -20.40 -13.90 -7.64
C ASP A 179 -20.01 -15.36 -7.86
N HIS A 180 -19.39 -15.98 -6.85
CA HIS A 180 -18.84 -17.33 -6.96
C HIS A 180 -19.76 -18.35 -6.30
N TYR A 181 -20.13 -19.39 -7.04
CA TYR A 181 -20.77 -20.59 -6.49
C TYR A 181 -19.84 -21.76 -6.73
N GLN A 182 -19.67 -22.62 -5.71
CA GLN A 182 -18.56 -23.55 -5.74
C GLN A 182 -18.97 -24.82 -5.01
N GLN A 183 -18.52 -25.96 -5.53
CA GLN A 183 -18.68 -27.23 -4.83
C GLN A 183 -17.43 -28.05 -5.04
N ASN A 184 -17.18 -28.93 -4.07
CA ASN A 184 -15.99 -29.74 -3.96
C ASN A 184 -16.38 -31.12 -3.50
N THR A 185 -15.95 -32.13 -4.22
CA THR A 185 -16.27 -33.50 -3.86
C THR A 185 -15.00 -34.32 -3.98
N PRO A 186 -14.79 -35.29 -3.09
CA PRO A 186 -13.55 -36.08 -3.13
C PRO A 186 -13.44 -36.90 -4.41
N ILE A 187 -12.21 -37.25 -4.73
CA ILE A 187 -11.97 -38.12 -5.88
C ILE A 187 -11.89 -39.57 -5.44
N GLY A 188 -11.30 -39.83 -4.29
CA GLY A 188 -11.31 -41.17 -3.73
C GLY A 188 -12.55 -41.47 -2.89
N ASP A 189 -12.68 -42.73 -2.53
CA ASP A 189 -13.78 -43.17 -1.69
C ASP A 189 -13.42 -43.17 -0.22
N GLY A 190 -12.20 -42.80 0.13
CA GLY A 190 -11.81 -42.67 1.50
C GLY A 190 -12.69 -41.65 2.18
N PRO A 191 -12.81 -41.75 3.51
CA PRO A 191 -13.67 -40.81 4.23
C PRO A 191 -13.03 -39.45 4.31
N VAL A 192 -13.88 -38.41 4.35
CA VAL A 192 -13.43 -37.03 4.37
C VAL A 192 -14.13 -36.29 5.50
N LEU A 193 -13.50 -35.22 5.97
CA LEU A 193 -14.08 -34.36 7.00
C LEU A 193 -15.16 -33.49 6.36
N LEU A 194 -16.40 -33.65 6.82
CA LEU A 194 -17.47 -32.73 6.45
C LEU A 194 -17.56 -31.65 7.52
N PRO A 195 -17.30 -30.39 7.20
CA PRO A 195 -17.12 -29.37 8.24
C PRO A 195 -18.42 -28.71 8.70
N ASP A 196 -18.35 -28.18 9.92
CA ASP A 196 -19.35 -27.20 10.34
C ASP A 196 -19.15 -25.94 9.52
N ASN A 197 -20.17 -25.08 9.51
CA ASN A 197 -20.06 -23.82 8.78
C ASN A 197 -18.92 -22.97 9.32
N HIS A 198 -18.12 -22.41 8.42
CA HIS A 198 -16.94 -21.61 8.73
C HIS A 198 -16.53 -20.92 7.45
N TYR A 199 -15.43 -20.17 7.50
CA TYR A 199 -15.00 -19.44 6.31
C TYR A 199 -13.49 -19.33 6.29
N LEU A 200 -12.96 -18.99 5.12
CA LEU A 200 -11.54 -18.76 4.94
C LEU A 200 -11.36 -17.28 4.70
N SER A 201 -10.59 -16.62 5.57
CA SER A 201 -10.19 -15.25 5.32
C SER A 201 -9.05 -15.24 4.32
N THR A 202 -9.29 -14.61 3.17
CA THR A 202 -8.40 -14.72 2.02
C THR A 202 -7.89 -13.33 1.66
N GLN A 203 -6.56 -13.18 1.59
CA GLN A 203 -5.92 -12.00 1.04
C GLN A 203 -4.99 -12.39 -0.09
N SER A 204 -4.90 -11.52 -1.09
CA SER A 204 -4.05 -11.82 -2.23
C SER A 204 -3.38 -10.54 -2.72
N ALA A 205 -2.23 -10.70 -3.37
CA ALA A 205 -1.50 -9.58 -3.95
C ALA A 205 -0.92 -10.01 -5.29
N LEU A 206 -1.15 -9.20 -6.33
CA LEU A 206 -0.65 -9.49 -7.66
C LEU A 206 0.56 -8.62 -7.99
N SER A 207 1.52 -9.18 -8.73
CA SER A 207 2.65 -8.36 -9.18
C SER A 207 3.27 -9.00 -10.42
N LYS A 208 4.44 -8.48 -10.81
CA LYS A 208 5.07 -8.82 -12.07
C LYS A 208 6.54 -9.13 -11.88
N ASP A 209 7.02 -10.06 -12.70
CA ASP A 209 8.44 -10.33 -12.82
C ASP A 209 8.98 -9.43 -13.92
N PRO A 210 9.83 -8.45 -13.63
CA PRO A 210 10.33 -7.57 -14.70
C PRO A 210 11.30 -8.27 -15.65
N ASN A 211 11.87 -9.39 -15.24
CA ASN A 211 12.66 -10.23 -16.14
C ASN A 211 11.82 -11.21 -16.96
N GLU A 212 10.51 -10.98 -17.07
CA GLU A 212 9.62 -11.91 -17.75
C GLU A 212 8.99 -11.18 -18.93
N LYS A 213 9.33 -11.64 -20.13
CA LYS A 213 8.81 -11.03 -21.35
C LYS A 213 7.37 -11.46 -21.64
N ARG A 214 6.99 -12.68 -21.30
CA ARG A 214 5.66 -13.15 -21.67
C ARG A 214 4.59 -12.54 -20.77
N ASP A 215 3.36 -12.53 -21.28
CA ASP A 215 2.21 -12.18 -20.44
C ASP A 215 2.12 -13.14 -19.27
N HIS A 216 2.05 -12.60 -18.05
CA HIS A 216 2.22 -13.45 -16.87
C HIS A 216 1.62 -12.76 -15.66
N MET A 217 1.53 -13.52 -14.56
CA MET A 217 1.08 -13.00 -13.29
C MET A 217 1.83 -13.67 -12.15
N VAL A 218 2.32 -12.87 -11.21
CA VAL A 218 2.82 -13.37 -9.94
C VAL A 218 1.72 -13.16 -8.90
N LEU A 219 1.41 -14.23 -8.16
CA LEU A 219 0.26 -14.27 -7.27
C LEU A 219 0.72 -14.65 -5.88
N LEU A 220 0.24 -13.92 -4.89
CA LEU A 220 0.54 -14.25 -3.52
C LEU A 220 -0.77 -14.32 -2.75
N GLU A 221 -0.94 -15.39 -1.98
CA GLU A 221 -2.18 -15.60 -1.27
C GLU A 221 -1.86 -15.95 0.16
N PHE A 222 -2.66 -15.40 1.07
CA PHE A 222 -2.61 -15.69 2.50
C PHE A 222 -4.00 -16.10 2.93
N VAL A 223 -4.13 -17.29 3.51
CA VAL A 223 -5.45 -17.84 3.78
C VAL A 223 -5.44 -18.50 5.15
N THR A 224 -6.37 -18.07 6.03
CA THR A 224 -6.55 -18.66 7.35
C THR A 224 -8.02 -18.92 7.59
N ALA A 225 -8.33 -20.09 8.16
CA ALA A 225 -9.70 -20.44 8.48
C ALA A 225 -10.11 -19.78 9.80
N ALA A 226 -11.43 -19.68 10.02
CA ALA A 226 -12.00 -18.83 11.06
C ALA A 226 -13.49 -19.15 11.15
N GLY A 227 -14.10 -18.73 12.26
CA GLY A 227 -15.52 -18.91 12.48
C GLY A 227 -15.90 -20.03 13.40
N ILE A 228 -15.04 -20.42 14.34
CA ILE A 228 -15.34 -21.46 15.33
C ILE A 228 -14.60 -21.16 16.64
N LYS B 4 20.43 9.00 -9.22
CA LYS B 4 21.68 8.75 -8.47
C LYS B 4 21.45 8.11 -7.10
N GLY B 5 20.44 8.60 -6.39
CA GLY B 5 19.90 7.87 -5.25
C GLY B 5 19.27 6.55 -5.63
N GLU B 6 18.73 6.45 -6.87
CA GLU B 6 18.22 5.18 -7.37
C GLU B 6 19.24 4.08 -7.23
N GLU B 7 20.52 4.42 -7.42
CA GLU B 7 21.57 3.42 -7.41
C GLU B 7 21.47 2.53 -6.17
N LEU B 8 20.95 3.06 -5.06
CA LEU B 8 20.95 2.34 -3.80
C LEU B 8 19.84 1.33 -3.69
N PHE B 9 18.97 1.22 -4.70
CA PHE B 9 17.79 0.34 -4.63
C PHE B 9 17.80 -0.77 -5.67
N THR B 10 18.91 -0.98 -6.37
CA THR B 10 18.90 -2.00 -7.42
C THR B 10 18.83 -3.41 -6.86
N GLY B 11 19.19 -3.61 -5.59
CA GLY B 11 19.16 -4.94 -5.03
C GLY B 11 18.24 -5.06 -3.83
N VAL B 12 18.41 -6.11 -3.04
CA VAL B 12 17.64 -6.27 -1.81
C VAL B 12 18.24 -5.38 -0.73
N VAL B 13 17.43 -4.49 -0.18
CA VAL B 13 17.83 -3.54 0.86
C VAL B 13 17.21 -3.99 2.18
N PRO B 14 18.00 -4.24 3.22
CA PRO B 14 17.41 -4.53 4.53
C PRO B 14 16.83 -3.28 5.18
N ILE B 15 15.83 -3.51 6.05
CA ILE B 15 15.03 -2.45 6.66
C ILE B 15 14.97 -2.65 8.16
N LEU B 16 14.99 -1.53 8.90
CA LEU B 16 14.59 -1.49 10.29
C LEU B 16 13.49 -0.46 10.47
N VAL B 17 12.47 -0.79 11.27
CA VAL B 17 11.37 0.12 11.57
C VAL B 17 11.25 0.24 13.08
N GLU B 18 11.03 1.47 13.56
CA GLU B 18 10.82 1.71 14.99
C GLU B 18 9.70 2.72 15.13
N LEU B 19 8.80 2.47 16.08
CA LEU B 19 7.64 3.31 16.26
C LEU B 19 7.33 3.46 17.74
N ASP B 20 7.19 4.72 18.18
CA ASP B 20 6.68 5.05 19.50
C ASP B 20 5.32 5.67 19.30
N GLY B 21 4.31 5.17 20.01
CA GLY B 21 2.95 5.60 19.77
C GLY B 21 2.16 5.81 21.05
N ASP B 22 1.10 6.61 20.91
CA ASP B 22 0.17 6.88 22.02
C ASP B 22 -1.20 7.17 21.42
N VAL B 23 -2.17 6.33 21.74
CA VAL B 23 -3.55 6.50 21.26
C VAL B 23 -4.46 6.57 22.47
N ASN B 24 -5.15 7.68 22.64
CA ASN B 24 -6.05 7.87 23.78
C ASN B 24 -5.32 7.60 25.10
N GLY B 25 -4.04 7.98 25.14
CA GLY B 25 -3.22 7.76 26.31
C GLY B 25 -2.64 6.36 26.45
N HIS B 26 -2.99 5.42 25.57
CA HIS B 26 -2.40 4.09 25.60
C HIS B 26 -1.05 4.11 24.87
N LYS B 27 0.02 3.85 25.59
CA LYS B 27 1.37 3.94 25.04
C LYS B 27 1.85 2.56 24.61
N PHE B 28 2.61 2.53 23.52
CA PHE B 28 3.12 1.27 23.00
C PHE B 28 4.34 1.58 22.13
N SER B 29 5.18 0.57 21.96
CA SER B 29 6.30 0.62 21.04
C SER B 29 6.28 -0.61 20.16
N VAL B 30 6.60 -0.42 18.89
CA VAL B 30 6.74 -1.51 17.93
C VAL B 30 8.11 -1.40 17.30
N SER B 31 8.70 -2.55 17.01
CA SER B 31 9.90 -2.64 16.21
C SER B 31 9.65 -3.64 15.10
N GLY B 32 10.25 -3.38 13.93
CA GLY B 32 10.03 -4.23 12.78
C GLY B 32 11.34 -4.39 12.05
N GLU B 33 11.37 -5.41 11.19
CA GLU B 33 12.52 -5.55 10.31
C GLU B 33 12.14 -6.41 9.12
N GLY B 34 12.95 -6.31 8.08
CA GLY B 34 12.73 -7.09 6.88
C GLY B 34 13.62 -6.54 5.78
N GLU B 35 13.11 -6.54 4.55
CA GLU B 35 13.86 -6.02 3.41
C GLU B 35 12.88 -5.54 2.35
N GLY B 36 13.41 -4.83 1.36
CA GLY B 36 12.61 -4.31 0.27
C GLY B 36 13.36 -4.40 -1.04
N ASP B 37 12.67 -4.72 -2.11
CA ASP B 37 13.28 -4.84 -3.44
C ASP B 37 12.54 -3.91 -4.38
N ALA B 38 13.12 -2.74 -4.65
CA ALA B 38 12.43 -1.78 -5.49
C ALA B 38 12.30 -2.27 -6.92
N THR B 39 13.21 -3.14 -7.38
CA THR B 39 13.12 -3.59 -8.77
C THR B 39 11.83 -4.38 -9.01
N TYR B 40 11.28 -5.00 -7.96
CA TYR B 40 10.01 -5.73 -7.98
C TYR B 40 8.88 -4.98 -7.31
N GLY B 41 9.12 -3.80 -6.73
CA GLY B 41 8.09 -3.15 -5.93
C GLY B 41 7.65 -3.97 -4.74
N LYS B 42 8.53 -4.78 -4.17
CA LYS B 42 8.18 -5.72 -3.13
C LYS B 42 8.71 -5.25 -1.79
N LEU B 43 7.96 -5.56 -0.72
CA LEU B 43 8.32 -5.14 0.62
C LEU B 43 7.92 -6.24 1.60
N THR B 44 8.82 -6.62 2.49
CA THR B 44 8.59 -7.72 3.41
C THR B 44 9.02 -7.30 4.81
N LEU B 45 8.07 -7.30 5.73
CA LEU B 45 8.34 -6.77 7.06
C LEU B 45 7.64 -7.61 8.11
N LYS B 46 8.28 -7.77 9.26
CA LYS B 46 7.65 -8.36 10.43
C LYS B 46 7.77 -7.39 11.59
N PHE B 47 6.67 -7.22 12.33
CA PHE B 47 6.60 -6.26 13.41
C PHE B 47 6.26 -6.94 14.73
N ILE B 48 6.85 -6.44 15.81
CA ILE B 48 6.64 -6.98 17.13
C ILE B 48 6.30 -5.83 18.07
N CYS B 49 5.19 -5.95 18.79
CA CYS B 49 4.87 -4.97 19.81
C CYS B 49 5.71 -5.27 21.04
N THR B 50 6.74 -4.45 21.29
CA THR B 50 7.71 -4.69 22.35
C THR B 50 7.18 -4.34 23.73
N THR B 51 6.09 -3.58 23.83
CA THR B 51 5.51 -3.20 25.12
C THR B 51 4.32 -4.06 25.50
N GLY B 52 4.10 -5.19 24.84
CA GLY B 52 3.02 -6.06 25.19
C GLY B 52 1.91 -6.13 24.16
N LYS B 53 0.67 -5.92 24.60
CA LYS B 53 -0.46 -6.01 23.69
C LYS B 53 -0.63 -4.68 22.96
N LEU B 54 -0.71 -4.75 21.65
CA LEU B 54 -0.95 -3.55 20.86
C LEU B 54 -2.34 -3.02 21.15
N PRO B 55 -2.49 -1.78 21.62
CA PRO B 55 -3.82 -1.22 21.93
C PRO B 55 -4.66 -0.84 20.71
N VAL B 56 -4.13 -0.92 19.49
CA VAL B 56 -4.95 -0.63 18.32
C VAL B 56 -4.81 -1.81 17.34
N PRO B 57 -5.73 -1.93 16.39
CA PRO B 57 -5.60 -3.03 15.43
C PRO B 57 -4.41 -2.83 14.49
N TRP B 58 -3.65 -3.92 14.27
CA TRP B 58 -2.50 -3.88 13.36
C TRP B 58 -2.82 -3.27 11.98
N PRO B 59 -3.96 -3.54 11.33
CA PRO B 59 -4.19 -2.92 10.02
C PRO B 59 -4.20 -1.39 10.04
N THR B 60 -4.58 -0.74 11.15
CA THR B 60 -4.55 0.72 11.24
C THR B 60 -3.14 1.30 11.17
N LEU B 61 -2.09 0.49 11.32
CA LEU B 61 -0.72 0.99 11.34
C LEU B 61 0.05 0.64 10.07
N VAL B 62 -0.53 -0.16 9.18
CA VAL B 62 0.17 -0.61 7.98
C VAL B 62 0.77 0.57 7.22
N THR B 63 -0.05 1.58 6.90
CA THR B 63 0.47 2.69 6.10
C THR B 63 1.53 3.49 6.85
N THR B 64 1.56 3.40 8.19
CA THR B 64 2.55 4.14 8.95
C THR B 64 3.89 3.42 8.91
N PHE B 65 3.85 2.10 9.10
CA PHE B 65 5.03 1.25 9.05
C PHE B 65 5.66 1.31 7.67
N1 CR2 B 66 4.68 0.82 6.75
CA1 CR2 B 66 5.09 0.68 5.36
C1 CR2 B 66 4.44 1.81 4.57
N2 CR2 B 66 3.26 1.70 3.79
N3 CR2 B 66 4.98 3.15 4.55
C2 CR2 B 66 4.06 3.93 3.69
O2 CR2 B 66 4.15 5.06 3.41
CA2 CR2 B 66 2.97 2.97 3.21
CA3 CR2 B 66 6.16 3.64 5.24
C3 CR2 B 66 7.22 4.16 4.30
O3 CR2 B 66 7.96 5.11 4.71
CB2 CR2 B 66 2.03 3.36 2.38
CG2 CR2 B 66 0.81 2.57 1.91
CD1 CR2 B 66 0.60 1.26 2.29
CD2 CR2 B 66 -0.19 3.25 1.23
CE1 CR2 B 66 -0.57 0.59 1.91
CE2 CR2 B 66 -1.36 2.58 0.87
CZ CR2 B 66 -1.55 1.25 1.20
OH CR2 B 66 -2.73 0.59 0.81
N VAL B 67 7.35 2.93 3.57
CA VAL B 67 8.65 3.26 3.01
C VAL B 67 8.48 3.27 1.52
N GLN B 68 7.83 4.33 1.01
CA GLN B 68 7.41 4.34 -0.39
C GLN B 68 8.60 4.38 -1.33
N CYS B 69 9.82 4.46 -0.80
CA CYS B 69 10.95 4.45 -1.71
C CYS B 69 11.19 3.07 -2.32
N PHE B 70 10.50 2.04 -1.84
CA PHE B 70 10.57 0.70 -2.45
C PHE B 70 9.48 0.43 -3.49
N ALA B 71 8.73 1.45 -3.89
CA ALA B 71 7.86 1.31 -5.05
C ALA B 71 8.71 1.02 -6.28
N ARG B 72 8.23 0.14 -7.14
CA ARG B 72 8.82 0.03 -8.47
C ARG B 72 8.29 1.15 -9.34
N TYR B 73 9.19 2.02 -9.80
CA TYR B 73 8.86 3.07 -10.75
C TYR B 73 9.25 2.59 -12.13
N PRO B 74 8.31 2.42 -13.05
CA PRO B 74 8.68 2.03 -14.40
C PRO B 74 9.65 3.03 -15.00
N ASP B 75 10.44 2.55 -15.95
CA ASP B 75 11.51 3.36 -16.50
C ASP B 75 10.99 4.67 -17.08
N HIS B 76 9.81 4.65 -17.69
CA HIS B 76 9.36 5.91 -18.26
C HIS B 76 8.89 6.91 -17.22
N MET B 77 8.92 6.57 -15.92
CA MET B 77 8.60 7.53 -14.87
C MET B 77 9.77 7.77 -13.91
N LYS B 78 11.00 7.39 -14.30
CA LYS B 78 12.11 7.46 -13.35
C LYS B 78 12.30 8.86 -12.80
N GLN B 79 11.96 9.89 -13.57
CA GLN B 79 12.21 11.26 -13.14
C GLN B 79 11.09 11.80 -12.28
N HIS B 80 10.13 10.97 -11.90
CA HIS B 80 9.11 11.33 -10.92
C HIS B 80 9.25 10.56 -9.60
N ASP B 81 10.32 9.80 -9.42
CA ASP B 81 10.53 9.08 -8.17
C ASP B 81 11.21 10.04 -7.18
N PHE B 82 10.40 10.79 -6.42
CA PHE B 82 10.93 11.66 -5.39
C PHE B 82 11.60 10.87 -4.26
N PHE B 83 11.03 9.71 -3.89
CA PHE B 83 11.49 8.99 -2.69
C PHE B 83 12.92 8.51 -2.84
N LYS B 84 13.26 7.87 -3.95
CA LYS B 84 14.64 7.46 -4.12
C LYS B 84 15.56 8.65 -4.33
N SER B 85 15.08 9.74 -4.94
CA SER B 85 16.01 10.83 -5.23
C SER B 85 16.49 11.54 -3.95
N ALA B 86 15.70 11.48 -2.88
CA ALA B 86 16.11 12.08 -1.62
C ALA B 86 17.10 11.23 -0.83
N MET B 87 17.46 9.97 -1.32
CA MET B 87 18.35 9.07 -0.60
C MET B 87 19.78 9.33 -1.02
N PRO B 88 20.78 9.05 -0.15
CA PRO B 88 20.58 8.44 1.16
C PRO B 88 20.16 9.39 2.27
N GLU B 89 20.22 10.72 2.04
CA GLU B 89 19.95 11.67 3.11
C GLU B 89 18.57 11.44 3.74
N GLY B 90 17.58 11.05 2.93
CA GLY B 90 16.28 10.67 3.45
C GLY B 90 15.23 11.77 3.32
N TYR B 91 14.03 11.45 3.82
CA TYR B 91 12.94 12.40 3.84
C TYR B 91 12.17 12.24 5.14
N VAL B 92 11.53 13.32 5.54
CA VAL B 92 10.53 13.32 6.60
C VAL B 92 9.19 12.96 5.97
N GLN B 93 8.40 12.15 6.67
CA GLN B 93 7.05 11.82 6.20
C GLN B 93 6.08 12.12 7.33
N GLU B 94 5.12 13.02 7.06
CA GLU B 94 4.13 13.41 8.05
C GLU B 94 2.75 13.06 7.55
N ARG B 95 1.89 12.60 8.47
CA ARG B 95 0.52 12.29 8.09
C ARG B 95 -0.44 12.72 9.18
N THR B 96 -1.67 13.00 8.75
CA THR B 96 -2.85 12.97 9.59
C THR B 96 -3.81 11.96 8.96
N ILE B 97 -4.25 10.99 9.74
CA ILE B 97 -5.18 9.97 9.29
C ILE B 97 -6.47 10.20 10.03
N PHE B 98 -7.54 10.50 9.28
CA PHE B 98 -8.86 10.71 9.85
C PHE B 98 -9.67 9.44 9.66
N PHE B 99 -10.05 8.81 10.76
CA PHE B 99 -10.93 7.65 10.72
C PHE B 99 -12.36 8.15 10.72
N LYS B 100 -13.14 7.74 9.72
CA LYS B 100 -14.52 8.20 9.63
C LYS B 100 -15.28 7.85 10.90
N ASP B 101 -15.93 8.85 11.49
CA ASP B 101 -16.74 8.72 12.72
C ASP B 101 -15.91 8.22 13.90
N ASP B 102 -14.61 8.50 13.89
CA ASP B 102 -13.77 8.19 15.04
C ASP B 102 -12.63 9.21 15.08
N GLY B 103 -11.62 8.93 15.90
CA GLY B 103 -10.52 9.86 16.06
C GLY B 103 -9.56 9.93 14.88
N ASN B 104 -8.35 10.41 15.15
CA ASN B 104 -7.34 10.55 14.11
C ASN B 104 -5.98 10.18 14.66
N TYR B 105 -5.10 9.77 13.75
CA TYR B 105 -3.68 9.61 14.01
C TYR B 105 -2.95 10.78 13.37
N LYS B 106 -1.91 11.25 14.07
CA LYS B 106 -0.91 12.15 13.49
C LYS B 106 0.44 11.44 13.60
N THR B 107 1.19 11.44 12.50
CA THR B 107 2.47 10.73 12.52
C THR B 107 3.58 11.62 11.97
N ARG B 108 4.76 11.43 12.54
CA ARG B 108 5.99 12.06 12.07
C ARG B 108 7.04 10.96 11.96
N ALA B 109 7.66 10.84 10.79
CA ALA B 109 8.63 9.79 10.56
C ALA B 109 9.81 10.31 9.75
N GLU B 110 10.95 9.66 9.93
CA GLU B 110 12.13 9.92 9.11
C GLU B 110 12.58 8.62 8.46
N VAL B 111 12.83 8.67 7.16
CA VAL B 111 13.22 7.51 6.37
C VAL B 111 14.55 7.85 5.74
N LYS B 112 15.58 7.07 6.08
CA LYS B 112 16.92 7.41 5.65
C LYS B 112 17.81 6.16 5.72
N PHE B 113 18.94 6.23 5.03
CA PHE B 113 19.90 5.15 5.07
C PHE B 113 20.87 5.38 6.22
N GLU B 114 21.22 4.30 6.89
CA GLU B 114 22.35 4.27 7.81
C GLU B 114 23.22 3.14 7.29
N GLY B 115 24.14 3.50 6.40
CA GLY B 115 24.89 2.47 5.70
C GLY B 115 23.99 1.79 4.71
N ASP B 116 23.99 0.47 4.71
CA ASP B 116 23.18 -0.22 3.73
C ASP B 116 21.79 -0.56 4.23
N THR B 117 21.45 -0.20 5.47
CA THR B 117 20.14 -0.46 6.03
C THR B 117 19.25 0.77 5.93
N LEU B 118 18.01 0.55 5.50
CA LEU B 118 17.06 1.64 5.42
C LEU B 118 16.25 1.65 6.69
N VAL B 119 16.17 2.82 7.32
CA VAL B 119 15.57 2.98 8.64
C VAL B 119 14.35 3.87 8.52
N ASN B 120 13.26 3.44 9.13
CA ASN B 120 12.02 4.20 9.23
C ASN B 120 11.70 4.31 10.71
N ARG B 121 11.84 5.53 11.26
CA ARG B 121 11.57 5.79 12.66
C ARG B 121 10.38 6.74 12.75
N ILE B 122 9.40 6.40 13.59
CA ILE B 122 8.09 7.03 13.56
C ILE B 122 7.67 7.40 14.97
N GLU B 123 7.03 8.55 15.11
CA GLU B 123 6.22 8.90 16.27
C GLU B 123 4.77 9.02 15.84
N LEU B 124 3.87 8.49 16.64
CA LEU B 124 2.45 8.45 16.33
C LEU B 124 1.66 8.84 17.57
N LYS B 125 0.72 9.75 17.37
CA LYS B 125 -0.17 10.23 18.42
C LYS B 125 -1.60 10.14 17.90
N GLY B 126 -2.46 9.50 18.66
CA GLY B 126 -3.87 9.43 18.31
C GLY B 126 -4.76 9.90 19.44
N ILE B 127 -5.80 10.65 19.07
CA ILE B 127 -6.69 11.26 20.05
C ILE B 127 -8.13 11.09 19.61
N ASP B 128 -9.05 11.27 20.57
CA ASP B 128 -10.48 11.42 20.30
C ASP B 128 -11.13 10.13 19.83
N PHE B 129 -10.57 8.97 20.17
CA PHE B 129 -11.09 7.70 19.70
C PHE B 129 -12.20 7.23 20.62
N LYS B 130 -13.23 6.62 20.04
CA LYS B 130 -14.35 6.12 20.84
C LYS B 130 -13.93 4.85 21.56
N GLU B 131 -14.26 4.77 22.87
CA GLU B 131 -13.73 3.66 23.65
C GLU B 131 -14.25 2.32 23.14
N ASP B 132 -15.33 2.31 22.37
CA ASP B 132 -15.75 1.10 21.66
C ASP B 132 -16.12 1.43 20.22
N GLY B 133 -15.30 2.24 19.57
CA GLY B 133 -15.33 2.35 18.13
C GLY B 133 -14.61 1.16 17.51
N ASN B 134 -14.44 1.24 16.20
CA ASN B 134 -13.82 0.13 15.49
C ASN B 134 -12.36 -0.04 15.88
N ILE B 135 -11.67 1.06 16.19
CA ILE B 135 -10.24 0.99 16.49
C ILE B 135 -10.01 0.51 17.91
N LEU B 136 -10.46 1.28 18.90
CA LEU B 136 -10.26 0.87 20.28
C LEU B 136 -11.03 -0.40 20.60
N GLY B 137 -12.10 -0.66 19.88
CA GLY B 137 -12.87 -1.87 20.07
C GLY B 137 -12.35 -3.09 19.34
N HIS B 138 -11.35 -2.93 18.47
CA HIS B 138 -10.76 -4.05 17.75
C HIS B 138 -11.80 -4.81 16.92
N LYS B 139 -12.56 -4.06 16.14
CA LYS B 139 -13.53 -4.64 15.23
C LYS B 139 -13.03 -4.69 13.80
N LEU B 140 -11.73 -4.51 13.59
CA LEU B 140 -11.17 -4.58 12.25
C LEU B 140 -10.84 -6.02 11.89
N GLU B 141 -11.19 -6.43 10.68
CA GLU B 141 -10.68 -7.70 10.15
C GLU B 141 -9.16 -7.61 9.99
N TYR B 142 -8.49 -8.74 10.15
CA TYR B 142 -7.03 -8.81 9.97
C TYR B 142 -6.72 -9.03 8.49
N ASN B 143 -6.75 -7.95 7.71
CA ASN B 143 -6.61 -8.07 6.27
C ASN B 143 -6.46 -6.67 5.67
N TYR B 144 -6.19 -6.63 4.37
CA TYR B 144 -5.94 -5.35 3.71
C TYR B 144 -6.32 -5.44 2.24
N ASN B 145 -6.64 -4.28 1.67
CA ASN B 145 -7.18 -4.15 0.32
C ASN B 145 -6.24 -3.32 -0.55
N SER B 146 -6.56 -3.22 -1.84
CA SER B 146 -5.74 -2.44 -2.76
C SER B 146 -6.19 -1.00 -2.73
N HIS B 147 -5.23 -0.09 -2.93
CA HIS B 147 -5.51 1.34 -2.92
C HIS B 147 -4.55 2.05 -3.86
N ASN B 148 -4.94 3.23 -4.29
CA ASN B 148 -4.12 4.08 -5.12
C ASN B 148 -3.68 5.28 -4.28
N VAL B 149 -2.38 5.56 -4.29
CA VAL B 149 -1.79 6.65 -3.53
C VAL B 149 -1.48 7.79 -4.49
N TYR B 150 -2.15 8.93 -4.30
CA TYR B 150 -2.04 10.03 -5.27
C TYR B 150 -0.96 11.00 -4.82
N ILE B 151 0.02 11.22 -5.70
CA ILE B 151 1.21 11.99 -5.38
C ILE B 151 1.21 13.25 -6.23
N MET B 152 1.45 14.40 -5.59
CA MET B 152 1.42 15.69 -6.27
C MET B 152 2.59 16.53 -5.74
N ALA B 153 3.35 17.15 -6.64
CA ALA B 153 4.50 17.93 -6.22
C ALA B 153 4.06 19.16 -5.41
N ASP B 154 4.91 19.57 -4.47
CA ASP B 154 4.69 20.77 -3.66
C ASP B 154 5.95 21.64 -3.76
N LYS B 155 5.94 22.58 -4.71
CA LYS B 155 7.14 23.35 -5.05
C LYS B 155 7.66 24.15 -3.86
N GLN B 156 6.77 24.74 -3.06
CA GLN B 156 7.22 25.61 -1.97
C GLN B 156 8.05 24.83 -0.95
N LYS B 157 7.55 23.66 -0.54
CA LYS B 157 8.25 22.85 0.43
C LYS B 157 9.32 21.95 -0.18
N ASN B 158 9.59 22.09 -1.47
CA ASN B 158 10.57 21.24 -2.14
C ASN B 158 10.28 19.75 -1.91
N GLY B 159 9.01 19.40 -1.79
CA GLY B 159 8.64 18.02 -1.52
C GLY B 159 7.41 17.62 -2.29
N ILE B 160 6.57 16.76 -1.69
CA ILE B 160 5.35 16.31 -2.34
C ILE B 160 4.21 16.31 -1.34
N LYS B 161 2.99 16.38 -1.86
CA LYS B 161 1.76 16.16 -1.11
C LYS B 161 1.14 14.85 -1.59
N VAL B 162 0.51 14.12 -0.67
CA VAL B 162 -0.04 12.80 -0.97
C VAL B 162 -1.35 12.61 -0.23
N ASN B 163 -2.33 11.97 -0.89
CA ASN B 163 -3.57 11.62 -0.22
C ASN B 163 -4.16 10.33 -0.83
N PHE B 164 -5.03 9.70 -0.04
CA PHE B 164 -5.69 8.45 -0.40
C PHE B 164 -6.57 8.07 0.79
N LYS B 165 -7.50 7.15 0.56
CA LYS B 165 -8.40 6.66 1.60
C LYS B 165 -8.26 5.14 1.71
N ILE B 166 -7.96 4.65 2.89
CA ILE B 166 -7.86 3.21 3.14
C ILE B 166 -9.24 2.70 3.52
N ARG B 167 -9.61 1.53 2.97
CA ARG B 167 -10.82 0.81 3.39
C ARG B 167 -10.42 -0.35 4.31
N HIS B 168 -10.76 -0.23 5.61
CA HIS B 168 -10.53 -1.29 6.60
C HIS B 168 -11.81 -2.09 6.74
N ASN B 169 -11.82 -3.33 6.26
CA ASN B 169 -13.02 -4.14 6.38
C ASN B 169 -13.31 -4.39 7.86
N ILE B 170 -14.57 -4.23 8.25
CA ILE B 170 -14.99 -4.41 9.64
C ILE B 170 -15.56 -5.81 9.79
N GLU B 171 -15.42 -6.38 10.98
CA GLU B 171 -15.78 -7.79 11.22
C GLU B 171 -17.24 -8.07 10.86
N ASP B 172 -18.12 -7.09 10.97
CA ASP B 172 -19.55 -7.28 10.74
C ASP B 172 -19.95 -7.04 9.29
N GLY B 173 -19.02 -6.76 8.39
CA GLY B 173 -19.32 -6.64 6.98
C GLY B 173 -19.15 -5.24 6.40
N SER B 174 -19.07 -4.21 7.23
CA SER B 174 -18.95 -2.85 6.73
C SER B 174 -17.48 -2.47 6.53
N VAL B 175 -17.26 -1.24 6.10
CA VAL B 175 -15.93 -0.70 5.81
C VAL B 175 -15.72 0.51 6.72
N GLN B 176 -14.61 0.52 7.45
CA GLN B 176 -14.19 1.68 8.21
C GLN B 176 -13.17 2.44 7.37
N LEU B 177 -13.54 3.67 6.98
CA LEU B 177 -12.75 4.49 6.07
C LEU B 177 -11.68 5.28 6.81
N ALA B 178 -10.50 5.42 6.20
CA ALA B 178 -9.36 6.12 6.81
C ALA B 178 -8.75 7.10 5.81
N ASP B 179 -9.01 8.38 6.02
CA ASP B 179 -8.64 9.43 5.07
C ASP B 179 -7.22 9.91 5.37
N HIS B 180 -6.31 9.76 4.41
CA HIS B 180 -4.89 9.98 4.63
C HIS B 180 -4.47 11.27 3.97
N TYR B 181 -3.92 12.18 4.77
CA TYR B 181 -3.22 13.36 4.27
C TYR B 181 -1.75 13.22 4.62
N GLN B 182 -0.89 13.49 3.65
CA GLN B 182 0.52 13.17 3.82
C GLN B 182 1.39 14.18 3.10
N GLN B 183 2.56 14.47 3.67
CA GLN B 183 3.57 15.31 3.05
C GLN B 183 4.94 14.72 3.32
N ASN B 184 5.85 14.90 2.36
CA ASN B 184 7.22 14.44 2.49
C ASN B 184 8.13 15.56 2.06
N THR B 185 9.21 15.78 2.82
CA THR B 185 10.17 16.80 2.49
C THR B 185 11.55 16.21 2.68
N PRO B 186 12.52 16.63 1.86
CA PRO B 186 13.87 16.06 1.96
C PRO B 186 14.57 16.47 3.24
N ILE B 187 15.38 15.56 3.78
CA ILE B 187 16.23 15.91 4.91
C ILE B 187 17.49 16.62 4.42
N GLY B 188 18.09 16.12 3.34
CA GLY B 188 19.25 16.76 2.77
C GLY B 188 18.91 18.06 2.03
N ASP B 189 19.96 18.65 1.46
CA ASP B 189 19.82 19.87 0.69
C ASP B 189 20.13 19.67 -0.79
N GLY B 190 20.58 18.46 -1.17
CA GLY B 190 20.76 18.13 -2.56
C GLY B 190 19.47 18.29 -3.33
N PRO B 191 19.57 18.30 -4.65
CA PRO B 191 18.36 18.41 -5.48
C PRO B 191 17.51 17.16 -5.38
N VAL B 192 16.19 17.35 -5.56
CA VAL B 192 15.27 16.22 -5.55
C VAL B 192 14.38 16.33 -6.78
N LEU B 193 13.77 15.20 -7.15
CA LEU B 193 12.81 15.16 -8.24
C LEU B 193 11.45 15.61 -7.72
N LEU B 194 10.95 16.74 -8.20
CA LEU B 194 9.57 17.11 -7.97
C LEU B 194 8.74 16.50 -9.08
N PRO B 195 7.86 15.54 -8.80
CA PRO B 195 7.21 14.76 -9.87
C PRO B 195 5.96 15.42 -10.45
N ASP B 196 5.63 15.00 -11.67
CA ASP B 196 4.30 15.29 -12.20
C ASP B 196 3.28 14.46 -11.44
N ASN B 197 2.01 14.87 -11.53
CA ASN B 197 0.97 14.13 -10.83
C ASN B 197 0.95 12.69 -11.31
N HIS B 198 0.92 11.75 -10.35
CA HIS B 198 0.82 10.33 -10.64
C HIS B 198 0.29 9.62 -9.38
N TYR B 199 0.30 8.29 -9.41
CA TYR B 199 -0.18 7.54 -8.25
C TYR B 199 0.61 6.25 -8.11
N LEU B 200 0.52 5.65 -6.94
CA LEU B 200 1.16 4.37 -6.66
C LEU B 200 0.08 3.33 -6.44
N SER B 201 0.09 2.27 -7.23
CA SER B 201 -0.84 1.18 -7.01
C SER B 201 -0.27 0.31 -5.90
N THR B 202 -0.97 0.26 -4.77
CA THR B 202 -0.50 -0.41 -3.57
C THR B 202 -1.42 -1.59 -3.27
N GLN B 203 -0.82 -2.77 -3.14
CA GLN B 203 -1.51 -3.93 -2.58
C GLN B 203 -0.76 -4.42 -1.35
N SER B 204 -1.49 -4.99 -0.41
CA SER B 204 -0.93 -5.48 0.85
C SER B 204 -1.63 -6.75 1.29
N ALA B 205 -0.91 -7.54 2.09
CA ALA B 205 -1.44 -8.75 2.68
C ALA B 205 -0.78 -8.95 4.04
N LEU B 206 -1.59 -9.24 5.05
CA LEU B 206 -1.12 -9.40 6.41
C LEU B 206 -1.16 -10.87 6.81
N SER B 207 -0.18 -11.32 7.56
CA SER B 207 -0.31 -12.67 8.08
C SER B 207 0.48 -12.78 9.36
N LYS B 208 0.66 -14.02 9.80
CA LYS B 208 1.05 -14.33 11.15
C LYS B 208 2.14 -15.39 11.12
N ASP B 209 3.09 -15.24 12.04
CA ASP B 209 4.17 -16.22 12.20
C ASP B 209 3.73 -17.22 13.26
N PRO B 210 3.48 -18.47 12.90
CA PRO B 210 3.09 -19.46 13.93
C PRO B 210 4.16 -19.71 14.98
N ASN B 211 5.44 -19.43 14.68
CA ASN B 211 6.52 -19.55 15.65
C ASN B 211 6.62 -18.35 16.58
N GLU B 212 5.75 -17.36 16.46
CA GLU B 212 5.92 -16.09 17.16
C GLU B 212 4.84 -15.96 18.23
N LYS B 213 5.27 -15.92 19.49
CA LYS B 213 4.31 -15.83 20.58
C LYS B 213 3.89 -14.39 20.89
N ARG B 214 4.76 -13.42 20.64
CA ARG B 214 4.38 -12.05 20.95
C ARG B 214 3.35 -11.52 19.95
N ASP B 215 2.74 -10.39 20.31
CA ASP B 215 1.81 -9.71 19.42
C ASP B 215 2.59 -9.14 18.25
N HIS B 216 2.22 -9.52 17.03
CA HIS B 216 3.05 -9.21 15.87
C HIS B 216 2.20 -9.15 14.59
N MET B 217 2.84 -8.67 13.53
CA MET B 217 2.29 -8.62 12.19
C MET B 217 3.39 -8.95 11.19
N VAL B 218 3.07 -9.83 10.23
CA VAL B 218 3.85 -10.00 9.01
C VAL B 218 3.14 -9.23 7.91
N LEU B 219 3.88 -8.38 7.20
CA LEU B 219 3.32 -7.49 6.21
C LEU B 219 4.06 -7.69 4.91
N LEU B 220 3.31 -7.94 3.85
CA LEU B 220 3.85 -7.94 2.50
C LEU B 220 3.16 -6.86 1.70
N GLU B 221 3.94 -6.13 0.90
CA GLU B 221 3.43 -4.99 0.14
C GLU B 221 3.96 -5.05 -1.29
N PHE B 222 3.09 -4.73 -2.26
CA PHE B 222 3.48 -4.63 -3.66
C PHE B 222 3.05 -3.27 -4.17
N VAL B 223 4.02 -2.50 -4.66
CA VAL B 223 3.78 -1.12 -5.01
C VAL B 223 4.40 -0.86 -6.37
N THR B 224 3.61 -0.31 -7.29
CA THR B 224 4.06 0.04 -8.63
C THR B 224 3.47 1.41 -9.01
N ALA B 225 4.32 2.29 -9.52
CA ALA B 225 3.88 3.63 -9.87
C ALA B 225 3.25 3.61 -11.26
N ALA B 226 2.22 4.44 -11.45
CA ALA B 226 1.56 4.56 -12.74
C ALA B 226 0.89 5.93 -12.81
N GLY B 227 0.04 6.10 -13.83
CA GLY B 227 -0.84 7.25 -13.90
C GLY B 227 -0.24 8.49 -14.52
N ILE B 228 0.72 8.34 -15.42
CA ILE B 228 1.45 9.50 -15.92
C ILE B 228 0.61 10.15 -17.03
N THR B 229 -0.04 11.28 -16.69
CA THR B 229 -0.95 12.02 -17.58
C THR B 229 -0.29 13.29 -18.17
N SER C 2 -14.82 38.52 -26.41
CA SER C 2 -13.44 38.76 -25.99
C SER C 2 -13.25 38.52 -24.47
N MET C 3 -14.34 38.63 -23.69
CA MET C 3 -14.39 38.05 -22.35
C MET C 3 -14.49 36.52 -22.40
N ALA C 4 -13.76 35.85 -21.51
CA ALA C 4 -13.88 34.40 -21.45
C ALA C 4 -15.14 33.94 -20.70
N GLN C 5 -15.70 34.78 -19.82
CA GLN C 5 -16.78 34.38 -18.90
C GLN C 5 -17.93 33.67 -19.60
N VAL C 6 -18.32 32.51 -19.06
CA VAL C 6 -19.49 31.76 -19.49
C VAL C 6 -20.45 31.65 -18.30
N GLN C 7 -21.74 31.82 -18.56
CA GLN C 7 -22.77 31.69 -17.54
C GLN C 7 -23.63 30.47 -17.85
N LEU C 8 -23.99 29.71 -16.81
CA LEU C 8 -24.74 28.47 -16.95
C LEU C 8 -25.99 28.54 -16.08
N VAL C 9 -27.14 28.20 -16.66
CA VAL C 9 -28.42 28.24 -15.96
C VAL C 9 -29.09 26.86 -16.11
N GLU C 10 -29.13 26.10 -15.02
CA GLU C 10 -29.85 24.82 -15.01
C GLU C 10 -31.35 25.05 -14.85
N SER C 11 -32.13 24.14 -15.41
CA SER C 11 -33.57 24.11 -15.17
C SER C 11 -34.07 22.67 -15.17
N GLY C 12 -35.30 22.48 -14.67
CA GLY C 12 -36.02 21.23 -14.82
C GLY C 12 -36.11 20.37 -13.57
N GLY C 13 -35.34 20.66 -12.53
CA GLY C 13 -35.40 19.82 -11.34
C GLY C 13 -36.78 19.84 -10.72
N ARG C 14 -37.25 18.67 -10.29
CA ARG C 14 -38.57 18.54 -9.71
C ARG C 14 -38.53 17.52 -8.60
N LEU C 15 -39.62 17.48 -7.85
CA LEU C 15 -39.90 16.33 -7.00
C LEU C 15 -40.69 15.32 -7.82
N VAL C 16 -40.26 14.06 -7.79
CA VAL C 16 -40.79 13.05 -8.69
C VAL C 16 -40.77 11.70 -8.01
N GLN C 17 -41.65 10.81 -8.47
CA GLN C 17 -41.77 9.46 -7.91
C GLN C 17 -40.72 8.54 -8.48
N ALA C 18 -40.21 7.65 -7.64
CA ALA C 18 -39.28 6.62 -8.10
C ALA C 18 -39.81 5.93 -9.35
N GLY C 19 -38.89 5.56 -10.25
CA GLY C 19 -39.27 4.91 -11.48
C GLY C 19 -39.75 5.83 -12.57
N ASP C 20 -39.98 7.11 -12.24
CA ASP C 20 -40.30 8.12 -13.22
C ASP C 20 -39.02 8.60 -13.91
N SER C 21 -39.20 9.38 -14.98
CA SER C 21 -38.06 10.04 -15.60
C SER C 21 -38.19 11.56 -15.49
N LEU C 22 -37.10 12.24 -15.78
CA LEU C 22 -37.03 13.69 -15.74
C LEU C 22 -35.92 14.13 -16.69
N ARG C 23 -36.10 15.27 -17.35
CA ARG C 23 -35.06 15.85 -18.20
C ARG C 23 -34.62 17.18 -17.62
N LEU C 24 -33.31 17.32 -17.41
CA LEU C 24 -32.72 18.57 -16.97
C LEU C 24 -32.06 19.23 -18.16
N SER C 25 -31.92 20.54 -18.07
CA SER C 25 -31.34 21.29 -19.17
C SER C 25 -30.46 22.40 -18.61
N CYS C 26 -29.40 22.71 -19.34
CA CYS C 26 -28.50 23.79 -18.98
C CYS C 26 -28.31 24.71 -20.16
N ALA C 27 -28.37 26.03 -19.91
CA ALA C 27 -28.18 27.03 -20.95
C ALA C 27 -26.87 27.76 -20.71
N ALA C 28 -25.97 27.71 -21.68
CA ALA C 28 -24.72 28.47 -21.64
C ALA C 28 -24.84 29.75 -22.45
N SER C 29 -24.28 30.83 -21.93
CA SER C 29 -24.10 32.07 -22.69
C SER C 29 -22.77 32.69 -22.28
N GLY C 30 -22.35 33.71 -23.03
CA GLY C 30 -21.03 34.28 -22.84
C GLY C 30 -20.12 33.86 -23.98
N ARG C 31 -18.86 33.52 -23.73
CA ARG C 31 -18.01 33.07 -24.83
C ARG C 31 -18.19 31.57 -25.05
N THR C 32 -19.35 31.23 -25.59
CA THR C 32 -19.64 29.84 -25.91
C THR C 32 -18.78 29.31 -27.04
N PHE C 33 -18.23 30.21 -27.88
CA PHE C 33 -17.36 29.79 -28.96
C PHE C 33 -16.25 28.88 -28.45
N SER C 34 -15.75 29.11 -27.24
CA SER C 34 -14.58 28.37 -26.73
C SER C 34 -14.94 27.06 -26.05
N THR C 35 -16.21 26.69 -25.93
CA THR C 35 -16.59 25.52 -25.16
C THR C 35 -16.03 24.25 -25.78
N SER C 36 -15.45 23.38 -24.93
CA SER C 36 -14.87 22.11 -25.37
C SER C 36 -15.48 20.89 -24.69
N ALA C 37 -16.10 21.05 -23.53
CA ALA C 37 -16.82 19.97 -22.85
C ALA C 37 -17.83 20.60 -21.90
N MET C 38 -18.93 19.89 -21.67
CA MET C 38 -19.89 20.26 -20.63
C MET C 38 -20.24 19.00 -19.85
N ALA C 39 -20.79 19.19 -18.65
CA ALA C 39 -20.94 18.09 -17.72
C ALA C 39 -22.03 18.40 -16.70
N TRP C 40 -22.51 17.34 -16.06
CA TRP C 40 -23.47 17.39 -14.96
C TRP C 40 -22.83 16.66 -13.78
N PHE C 41 -22.80 17.32 -12.61
CA PHE C 41 -22.42 16.72 -11.34
C PHE C 41 -23.62 16.79 -10.41
N ARG C 42 -23.55 16.09 -9.28
CA ARG C 42 -24.67 16.17 -8.35
C ARG C 42 -24.12 16.13 -6.94
N GLN C 43 -24.79 16.82 -6.03
CA GLN C 43 -24.32 16.83 -4.67
C GLN C 43 -25.47 16.65 -3.70
N ALA C 44 -25.32 15.69 -2.82
CA ALA C 44 -26.23 15.47 -1.72
C ALA C 44 -25.58 15.93 -0.42
N PRO C 45 -26.38 16.36 0.56
CA PRO C 45 -25.83 16.85 1.84
C PRO C 45 -24.89 15.84 2.48
N GLY C 46 -23.80 16.33 3.07
CA GLY C 46 -22.87 15.42 3.74
C GLY C 46 -22.02 14.58 2.83
N ARG C 47 -22.12 14.76 1.52
CA ARG C 47 -21.43 13.93 0.53
C ARG C 47 -20.58 14.81 -0.37
N GLU C 48 -19.49 14.24 -0.87
CA GLU C 48 -18.72 14.93 -1.91
C GLU C 48 -19.54 15.05 -3.19
N ARG C 49 -19.27 16.12 -3.93
CA ARG C 49 -19.86 16.26 -5.26
C ARG C 49 -19.43 15.12 -6.17
N GLU C 50 -20.39 14.57 -6.91
CA GLU C 50 -20.19 13.31 -7.62
C GLU C 50 -20.43 13.49 -9.12
N PHE C 51 -19.49 13.02 -9.93
CA PHE C 51 -19.61 13.06 -11.38
C PHE C 51 -20.81 12.26 -11.86
N VAL C 52 -21.58 12.83 -12.80
CA VAL C 52 -22.76 12.18 -13.34
C VAL C 52 -22.60 11.86 -14.82
N ALA C 53 -22.18 12.85 -15.63
CA ALA C 53 -22.10 12.68 -17.09
C ALA C 53 -21.35 13.86 -17.70
N ALA C 54 -20.63 13.60 -18.78
CA ALA C 54 -19.90 14.62 -19.52
C ALA C 54 -20.05 14.35 -21.02
N ILE C 55 -19.91 15.42 -21.81
CA ILE C 55 -20.06 15.35 -23.27
C ILE C 55 -19.02 16.28 -23.92
N THR C 56 -18.25 15.74 -24.87
CA THR C 56 -17.30 16.55 -25.64
C THR C 56 -18.07 17.45 -26.61
N TRP C 57 -17.59 18.66 -26.82
CA TRP C 57 -18.51 19.61 -27.40
C TRP C 57 -18.62 19.43 -28.91
N THR C 58 -17.48 19.28 -29.59
CA THR C 58 -17.48 19.20 -31.04
C THR C 58 -18.13 17.91 -31.52
N VAL C 59 -17.63 16.77 -31.05
CA VAL C 59 -18.13 15.51 -31.58
C VAL C 59 -19.36 14.96 -30.85
N GLY C 60 -19.54 15.30 -29.57
CA GLY C 60 -20.67 14.73 -28.85
C GLY C 60 -20.39 13.43 -28.14
N ASN C 61 -19.12 13.06 -27.96
CA ASN C 61 -18.79 11.85 -27.21
C ASN C 61 -19.20 11.99 -25.76
N THR C 62 -19.81 10.96 -25.19
CA THR C 62 -20.39 11.01 -23.86
C THR C 62 -19.72 10.04 -22.89
N ILE C 63 -19.63 10.46 -21.63
CA ILE C 63 -19.11 9.68 -20.51
C ILE C 63 -20.15 9.69 -19.40
N LEU C 64 -20.43 8.52 -18.83
CA LEU C 64 -21.41 8.41 -17.76
C LEU C 64 -20.76 7.91 -16.46
N GLY C 65 -21.23 8.41 -15.34
CA GLY C 65 -20.74 7.91 -14.06
C GLY C 65 -21.32 6.53 -13.78
N ASP C 66 -20.56 5.74 -13.03
CA ASP C 66 -20.93 4.33 -12.90
C ASP C 66 -22.36 4.16 -12.38
N SER C 67 -22.80 4.99 -11.45
CA SER C 67 -24.09 4.69 -10.83
C SER C 67 -25.30 5.20 -11.62
N VAL C 68 -25.12 5.78 -12.80
CA VAL C 68 -26.25 6.16 -13.64
C VAL C 68 -26.20 5.52 -15.01
N LYS C 69 -25.12 4.79 -15.32
CA LYS C 69 -24.98 4.01 -16.55
C LYS C 69 -26.26 3.27 -16.87
N GLY C 70 -26.69 3.35 -18.12
CA GLY C 70 -27.90 2.67 -18.53
C GLY C 70 -29.19 3.29 -18.05
N ARG C 71 -29.13 4.43 -17.35
CA ARG C 71 -30.32 5.16 -16.92
C ARG C 71 -30.31 6.62 -17.36
N PHE C 72 -29.15 7.26 -17.35
CA PHE C 72 -29.05 8.67 -17.67
C PHE C 72 -28.42 8.84 -19.05
N THR C 73 -28.84 9.89 -19.75
CA THR C 73 -28.36 10.17 -21.09
C THR C 73 -28.04 11.65 -21.17
N ILE C 74 -26.83 11.97 -21.60
CA ILE C 74 -26.44 13.36 -21.80
C ILE C 74 -26.41 13.67 -23.29
N SER C 75 -26.83 14.89 -23.64
CA SER C 75 -26.85 15.31 -25.03
C SER C 75 -26.69 16.82 -25.06
N ARG C 76 -26.15 17.35 -26.16
CA ARG C 76 -25.96 18.78 -26.25
C ARG C 76 -26.36 19.28 -27.62
N ASP C 77 -26.73 20.55 -27.68
CA ASP C 77 -27.17 21.24 -28.89
C ASP C 77 -26.29 22.47 -29.09
N ARG C 78 -25.43 22.45 -30.10
CA ARG C 78 -24.49 23.55 -30.26
C ARG C 78 -25.15 24.82 -30.80
N ALA C 79 -26.24 24.69 -31.55
CA ALA C 79 -26.93 25.88 -32.04
C ALA C 79 -27.55 26.68 -30.89
N LYS C 80 -28.04 25.98 -29.87
CA LYS C 80 -28.66 26.63 -28.72
C LYS C 80 -27.74 26.69 -27.50
N ASN C 81 -26.57 26.07 -27.57
CA ASN C 81 -25.64 26.09 -26.44
C ASN C 81 -26.30 25.55 -25.17
N THR C 82 -26.98 24.42 -25.32
CA THR C 82 -27.57 23.72 -24.19
C THR C 82 -26.96 22.33 -24.09
N VAL C 83 -27.05 21.78 -22.90
CA VAL C 83 -26.72 20.40 -22.63
C VAL C 83 -27.83 19.88 -21.75
N ASP C 84 -28.43 18.75 -22.14
CA ASP C 84 -29.54 18.17 -21.40
C ASP C 84 -29.12 16.86 -20.75
N LEU C 85 -29.78 16.52 -19.63
CA LEU C 85 -29.56 15.27 -18.90
C LEU C 85 -30.89 14.56 -18.80
N GLN C 86 -31.04 13.44 -19.50
CA GLN C 86 -32.27 12.68 -19.52
C GLN C 86 -32.15 11.59 -18.47
N MET C 87 -32.95 11.67 -17.42
CA MET C 87 -32.85 10.70 -16.33
C MET C 87 -34.08 9.80 -16.34
N ASP C 88 -33.88 8.53 -16.68
CA ASP C 88 -34.95 7.56 -16.66
C ASP C 88 -34.81 6.67 -15.43
N ASN C 89 -35.92 6.10 -15.00
CA ASN C 89 -35.92 5.13 -13.91
C ASN C 89 -35.25 5.70 -12.66
N LEU C 90 -35.75 6.85 -12.22
CA LEU C 90 -35.15 7.55 -11.09
C LEU C 90 -35.35 6.77 -9.78
N GLU C 91 -34.34 6.84 -8.91
CA GLU C 91 -34.38 6.18 -7.62
C GLU C 91 -34.17 7.22 -6.53
N PRO C 92 -34.69 6.97 -5.33
CA PRO C 92 -34.44 7.90 -4.21
C PRO C 92 -32.99 8.35 -4.07
N GLU C 93 -32.03 7.51 -4.43
CA GLU C 93 -30.61 7.83 -4.27
C GLU C 93 -30.10 8.83 -5.30
N ASP C 94 -30.88 9.09 -6.36
CA ASP C 94 -30.59 10.14 -7.31
C ASP C 94 -30.90 11.52 -6.73
N THR C 95 -31.55 11.58 -5.57
CA THR C 95 -31.88 12.84 -4.93
C THR C 95 -30.60 13.60 -4.62
N ALA C 96 -30.54 14.85 -5.10
CA ALA C 96 -29.37 15.70 -4.96
C ALA C 96 -29.66 16.99 -5.69
N VAL C 97 -28.77 17.98 -5.53
CA VAL C 97 -28.76 19.16 -6.39
C VAL C 97 -27.88 18.86 -7.60
N TYR C 98 -28.40 19.11 -8.80
CA TYR C 98 -27.66 18.80 -10.02
C TYR C 98 -27.05 20.08 -10.56
N TYR C 99 -25.74 20.04 -10.79
CA TYR C 99 -24.98 21.19 -11.25
C TYR C 99 -24.52 20.95 -12.68
N CYS C 100 -24.56 22.01 -13.45
CA CYS C 100 -24.06 22.03 -14.81
C CYS C 100 -22.70 22.71 -14.81
N SER C 101 -21.77 22.22 -15.63
CA SER C 101 -20.45 22.81 -15.69
C SER C 101 -19.96 22.87 -17.12
N ALA C 102 -18.89 23.62 -17.33
CA ALA C 102 -18.34 23.75 -18.67
C ALA C 102 -16.84 23.97 -18.58
N ARG C 103 -16.14 23.48 -19.61
CA ARG C 103 -14.72 23.67 -19.79
C ARG C 103 -14.47 24.34 -21.14
N SER C 104 -13.41 25.13 -21.20
CA SER C 104 -12.94 25.71 -22.45
C SER C 104 -11.57 25.21 -22.86
N ARG C 105 -10.65 25.03 -21.91
CA ARG C 105 -9.40 24.37 -22.21
C ARG C 105 -9.67 23.01 -22.85
N GLY C 106 -8.83 22.64 -23.82
CA GLY C 106 -8.84 21.29 -24.33
C GLY C 106 -8.33 20.32 -23.25
N TYR C 107 -8.41 19.04 -23.54
CA TYR C 107 -8.23 18.03 -22.49
C TYR C 107 -7.99 16.68 -23.13
N VAL C 108 -7.38 15.80 -22.37
CA VAL C 108 -7.50 14.36 -22.61
C VAL C 108 -8.74 13.89 -21.87
N LEU C 109 -9.28 12.74 -22.31
CA LEU C 109 -10.62 12.36 -21.91
C LEU C 109 -10.74 12.05 -20.42
N SER C 110 -9.69 11.50 -19.81
CA SER C 110 -9.79 10.99 -18.46
C SER C 110 -10.02 12.10 -17.41
N VAL C 111 -9.61 13.35 -17.70
CA VAL C 111 -9.79 14.40 -16.71
C VAL C 111 -11.22 14.90 -16.61
N LEU C 112 -12.15 14.40 -17.44
CA LEU C 112 -13.49 15.00 -17.50
C LEU C 112 -14.39 14.54 -16.38
N ARG C 113 -14.01 13.48 -15.65
CA ARG C 113 -14.83 13.02 -14.53
C ARG C 113 -14.59 13.83 -13.27
N SER C 114 -13.64 14.74 -13.29
CA SER C 114 -13.17 15.37 -12.07
C SER C 114 -13.75 16.76 -11.93
N VAL C 115 -14.27 17.06 -10.75
CA VAL C 115 -14.86 18.37 -10.48
C VAL C 115 -13.91 19.50 -10.84
N ASP C 116 -12.60 19.28 -10.65
CA ASP C 116 -11.61 20.34 -10.84
C ASP C 116 -11.32 20.65 -12.30
N SER C 117 -11.89 19.91 -13.23
CA SER C 117 -11.59 20.05 -14.64
C SER C 117 -12.47 21.07 -15.34
N TYR C 118 -13.38 21.78 -14.64
CA TYR C 118 -14.26 22.71 -15.33
C TYR C 118 -13.98 24.13 -14.89
N ASP C 119 -14.18 25.06 -15.83
CA ASP C 119 -13.90 26.47 -15.59
C ASP C 119 -15.14 27.27 -15.20
N TYR C 120 -16.34 26.72 -15.37
CA TYR C 120 -17.58 27.44 -15.15
C TYR C 120 -18.62 26.50 -14.56
N TRP C 121 -19.42 27.01 -13.62
CA TRP C 121 -20.40 26.21 -12.92
C TRP C 121 -21.71 26.97 -12.84
N GLY C 122 -22.83 26.27 -12.99
CA GLY C 122 -24.11 26.84 -12.66
C GLY C 122 -24.41 26.70 -11.17
N GLN C 123 -25.57 27.20 -10.78
CA GLN C 123 -25.94 27.27 -9.38
C GLN C 123 -26.83 26.12 -8.95
N GLY C 124 -27.13 25.19 -9.85
CA GLY C 124 -27.78 23.97 -9.44
C GLY C 124 -29.29 24.01 -9.63
N THR C 125 -29.85 22.82 -9.73
CA THR C 125 -31.29 22.61 -9.77
C THR C 125 -31.60 21.34 -8.97
N GLN C 126 -32.65 21.41 -8.17
CA GLN C 126 -32.94 20.39 -7.16
C GLN C 126 -33.75 19.26 -7.77
N VAL C 127 -33.29 18.02 -7.55
CA VAL C 127 -34.04 16.83 -7.92
C VAL C 127 -34.30 16.03 -6.65
N THR C 128 -35.57 15.76 -6.37
CA THR C 128 -35.96 14.90 -5.25
C THR C 128 -36.80 13.76 -5.78
N VAL C 129 -36.38 12.53 -5.45
CA VAL C 129 -37.04 11.31 -5.89
C VAL C 129 -37.59 10.62 -4.65
N SER C 130 -38.90 10.39 -4.62
CA SER C 130 -39.54 9.73 -3.49
C SER C 130 -40.07 8.36 -3.88
N GLY C 131 -39.86 7.39 -2.99
CA GLY C 131 -40.42 6.06 -3.14
C GLY C 131 -41.39 5.69 -2.03
N SER D 2 10.63 20.85 16.77
CA SER D 2 10.32 21.22 15.39
C SER D 2 11.46 22.04 14.76
N MET D 3 12.42 22.47 15.58
CA MET D 3 13.69 22.96 15.08
C MET D 3 14.71 21.84 15.03
N ALA D 4 15.60 21.92 14.04
CA ALA D 4 16.55 20.83 13.82
C ALA D 4 17.75 20.89 14.77
N GLN D 5 18.01 22.05 15.39
CA GLN D 5 19.23 22.28 16.14
C GLN D 5 19.52 21.18 17.16
N VAL D 6 20.77 20.71 17.16
CA VAL D 6 21.30 19.78 18.13
C VAL D 6 22.48 20.44 18.84
N GLN D 7 22.52 20.34 20.16
CA GLN D 7 23.63 20.88 20.93
C GLN D 7 24.43 19.73 21.52
N LEU D 8 25.76 19.77 21.36
CA LEU D 8 26.65 18.71 21.82
C LEU D 8 27.61 19.26 22.87
N VAL D 9 27.78 18.52 23.96
CA VAL D 9 28.63 18.93 25.09
C VAL D 9 29.57 17.77 25.42
N GLU D 10 30.87 17.98 25.20
CA GLU D 10 31.90 16.99 25.53
C GLU D 10 32.29 17.08 26.99
N SER D 11 32.79 15.97 27.52
CA SER D 11 33.36 15.99 28.86
C SER D 11 34.36 14.85 29.02
N GLY D 12 35.19 14.97 30.05
CA GLY D 12 36.14 13.94 30.42
C GLY D 12 37.60 14.30 30.19
N GLY D 13 37.86 15.34 29.41
CA GLY D 13 39.23 15.68 29.08
C GLY D 13 40.02 16.09 30.31
N ARG D 14 41.34 15.96 30.19
CA ARG D 14 42.24 16.29 31.28
C ARG D 14 43.63 15.74 30.97
N LEU D 15 44.60 16.08 31.82
CA LEU D 15 45.95 15.59 31.62
C LEU D 15 46.08 14.18 32.22
N VAL D 16 46.57 13.25 31.41
CA VAL D 16 46.82 11.88 31.82
C VAL D 16 48.27 11.55 31.52
N GLN D 17 48.74 10.43 32.06
CA GLN D 17 50.09 9.96 31.78
C GLN D 17 50.06 9.03 30.57
N ALA D 18 51.19 8.98 29.86
CA ALA D 18 51.31 8.00 28.78
C ALA D 18 50.96 6.62 29.31
N GLY D 19 50.16 5.87 28.56
CA GLY D 19 49.77 4.54 28.94
C GLY D 19 48.49 4.43 29.74
N ASP D 20 48.00 5.54 30.30
CA ASP D 20 46.73 5.50 31.03
C ASP D 20 45.54 5.28 30.08
N SER D 21 44.37 5.20 30.70
CA SER D 21 43.09 5.19 30.01
C SER D 21 42.28 6.43 30.40
N LEU D 22 41.30 6.77 29.57
CA LEU D 22 40.47 7.94 29.79
C LEU D 22 39.20 7.81 28.96
N ARG D 23 38.07 8.18 29.54
CA ARG D 23 36.77 8.07 28.87
C ARG D 23 36.19 9.47 28.65
N LEU D 24 36.02 9.84 27.39
CA LEU D 24 35.26 11.03 27.07
C LEU D 24 33.80 10.67 26.91
N SER D 25 32.93 11.63 27.21
CA SER D 25 31.51 11.47 26.93
C SER D 25 30.99 12.71 26.24
N CYS D 26 29.87 12.56 25.54
CA CYS D 26 29.27 13.69 24.85
C CYS D 26 27.75 13.59 24.97
N ALA D 27 27.13 14.67 25.43
CA ALA D 27 25.69 14.72 25.61
C ALA D 27 25.05 15.55 24.50
N ALA D 28 24.10 14.96 23.80
CA ALA D 28 23.36 15.64 22.74
C ALA D 28 21.96 15.99 23.24
N SER D 29 21.47 17.17 22.82
CA SER D 29 20.11 17.59 23.13
C SER D 29 19.60 18.45 21.98
N GLY D 30 18.29 18.73 22.01
CA GLY D 30 17.64 19.37 20.87
C GLY D 30 16.80 18.33 20.15
N ARG D 31 16.79 18.31 18.82
CA ARG D 31 16.05 17.30 18.08
C ARG D 31 16.93 16.06 17.89
N THR D 32 17.13 15.37 19.00
CA THR D 32 17.86 14.11 18.97
C THR D 32 17.08 13.05 18.22
N PHE D 33 15.78 13.24 18.02
CA PHE D 33 15.01 12.25 17.28
C PHE D 33 15.62 12.00 15.91
N SER D 34 16.21 13.01 15.28
CA SER D 34 16.73 12.89 13.92
C SER D 34 18.13 12.31 13.83
N THR D 35 18.81 12.05 14.95
CA THR D 35 20.22 11.66 14.88
C THR D 35 20.38 10.37 14.10
N SER D 36 21.34 10.36 13.18
CA SER D 36 21.63 9.20 12.36
C SER D 36 23.03 8.66 12.56
N ALA D 37 23.96 9.47 13.04
CA ALA D 37 25.31 9.04 13.37
C ALA D 37 25.93 10.07 14.30
N MET D 38 26.90 9.62 15.10
CA MET D 38 27.72 10.51 15.91
C MET D 38 29.17 10.07 15.79
N ALA D 39 30.10 10.99 16.08
CA ALA D 39 31.49 10.72 15.80
C ALA D 39 32.38 11.57 16.72
N TRP D 40 33.64 11.16 16.81
CA TRP D 40 34.66 11.91 17.51
C TRP D 40 35.78 12.26 16.55
N PHE D 41 36.16 13.52 16.55
CA PHE D 41 37.35 14.00 15.86
C PHE D 41 38.30 14.61 16.88
N ARG D 42 39.57 14.72 16.51
CA ARG D 42 40.56 15.41 17.34
C ARG D 42 41.39 16.34 16.48
N GLN D 43 41.84 17.43 17.08
CA GLN D 43 42.69 18.42 16.41
C GLN D 43 43.84 18.75 17.33
N ALA D 44 45.05 18.37 16.92
CA ALA D 44 46.26 18.81 17.62
C ALA D 44 46.61 20.23 17.19
N PRO D 45 47.30 20.99 18.04
CA PRO D 45 47.56 22.40 17.72
C PRO D 45 48.38 22.52 16.43
N GLY D 46 47.92 23.39 15.53
CA GLY D 46 48.55 23.46 14.23
C GLY D 46 47.98 22.48 13.22
N ARG D 47 48.12 21.17 13.47
CA ARG D 47 47.58 20.14 12.60
C ARG D 47 46.05 20.28 12.46
N GLU D 48 45.48 19.70 11.40
CA GLU D 48 44.05 19.85 11.16
C GLU D 48 43.24 18.68 11.74
N ARG D 49 41.96 18.96 11.97
CA ARG D 49 41.00 18.02 12.51
C ARG D 49 41.13 16.65 11.86
N GLU D 50 41.23 15.62 12.70
CA GLU D 50 41.51 14.25 12.29
C GLU D 50 40.40 13.33 12.78
N PHE D 51 39.91 12.46 11.91
CA PHE D 51 38.85 11.53 12.29
C PHE D 51 39.35 10.52 13.33
N VAL D 52 38.53 10.27 14.35
CA VAL D 52 38.86 9.32 15.41
C VAL D 52 37.91 8.12 15.38
N ALA D 53 36.61 8.35 15.47
CA ALA D 53 35.67 7.25 15.57
C ALA D 53 34.28 7.72 15.17
N ALA D 54 33.49 6.81 14.61
CA ALA D 54 32.09 7.11 14.31
C ALA D 54 31.23 5.92 14.68
N ILE D 55 29.95 6.17 14.88
CA ILE D 55 29.01 5.11 15.27
C ILE D 55 27.65 5.42 14.64
N THR D 56 27.07 4.42 13.98
CA THR D 56 25.74 4.58 13.41
C THR D 56 24.70 4.52 14.53
N TRP D 57 23.68 5.37 14.44
CA TRP D 57 22.87 5.59 15.64
C TRP D 57 21.96 4.42 15.93
N THR D 58 21.19 3.96 14.93
CA THR D 58 20.19 2.94 15.20
C THR D 58 20.80 1.60 15.58
N VAL D 59 21.75 1.12 14.78
CA VAL D 59 22.30 -0.21 15.03
C VAL D 59 23.52 -0.18 15.94
N GLY D 60 24.32 0.87 15.88
CA GLY D 60 25.51 0.95 16.70
C GLY D 60 26.77 0.43 16.04
N ASN D 61 26.80 0.36 14.71
CA ASN D 61 28.01 -0.08 14.01
C ASN D 61 29.10 0.96 14.21
N THR D 62 30.33 0.50 14.41
CA THR D 62 31.43 1.39 14.76
C THR D 62 32.49 1.43 13.65
N ILE D 63 33.21 2.54 13.60
CA ILE D 63 34.27 2.75 12.62
C ILE D 63 35.39 3.48 13.35
N LEU D 64 36.63 3.06 13.10
CA LEU D 64 37.78 3.64 13.78
C LEU D 64 38.80 4.11 12.77
N GLY D 65 39.29 5.33 12.95
CA GLY D 65 40.48 5.76 12.23
C GLY D 65 41.66 4.86 12.54
N ASP D 66 42.65 4.89 11.64
CA ASP D 66 43.72 3.92 11.75
C ASP D 66 44.66 4.21 12.91
N SER D 67 44.88 5.48 13.24
CA SER D 67 45.76 5.84 14.35
C SER D 67 45.35 5.19 15.66
N VAL D 68 44.06 4.86 15.83
CA VAL D 68 43.55 4.43 17.13
C VAL D 68 42.96 3.04 17.10
N LYS D 69 42.98 2.36 15.96
CA LYS D 69 42.50 0.98 15.88
C LYS D 69 43.13 0.15 17.00
N GLY D 70 42.28 -0.61 17.70
CA GLY D 70 42.75 -1.48 18.75
C GLY D 70 42.96 -0.83 20.11
N ARG D 71 43.01 0.50 20.17
CA ARG D 71 43.16 1.23 21.43
C ARG D 71 41.89 1.96 21.88
N PHE D 72 41.17 2.59 20.95
CA PHE D 72 39.95 3.31 21.28
C PHE D 72 38.74 2.47 20.90
N THR D 73 37.67 2.60 21.68
CA THR D 73 36.36 2.07 21.31
C THR D 73 35.28 3.12 21.50
N ILE D 74 34.32 3.14 20.59
CA ILE D 74 33.23 4.09 20.62
C ILE D 74 31.94 3.34 20.95
N SER D 75 31.07 3.99 21.72
CA SER D 75 29.79 3.41 22.10
C SER D 75 28.80 4.54 22.33
N ARG D 76 27.52 4.19 22.37
CA ARG D 76 26.51 5.22 22.43
C ARG D 76 25.28 4.66 23.11
N ASP D 77 24.60 5.52 23.87
CA ASP D 77 23.37 5.16 24.57
C ASP D 77 22.25 6.04 24.03
N ARG D 78 21.23 5.41 23.43
CA ARG D 78 20.16 6.15 22.77
C ARG D 78 19.15 6.75 23.75
N ALA D 79 18.86 6.05 24.84
CA ALA D 79 17.99 6.61 25.87
C ALA D 79 18.59 7.87 26.46
N LYS D 80 19.86 7.82 26.84
CA LYS D 80 20.51 9.00 27.40
C LYS D 80 20.97 9.98 26.34
N ASN D 81 20.98 9.58 25.06
CA ASN D 81 21.46 10.44 23.99
C ASN D 81 22.91 10.88 24.22
N THR D 82 23.78 9.91 24.49
CA THR D 82 25.20 10.15 24.67
C THR D 82 26.01 9.25 23.75
N VAL D 83 27.25 9.67 23.51
CA VAL D 83 28.24 8.88 22.78
C VAL D 83 29.54 8.98 23.56
N ASP D 84 30.22 7.85 23.76
CA ASP D 84 31.42 7.81 24.58
C ASP D 84 32.61 7.31 23.76
N LEU D 85 33.78 7.83 24.10
CA LEU D 85 35.06 7.42 23.52
C LEU D 85 35.91 6.84 24.65
N GLN D 86 36.20 5.53 24.58
CA GLN D 86 37.05 4.85 25.57
C GLN D 86 38.47 4.76 25.01
N MET D 87 39.40 5.52 25.59
CA MET D 87 40.76 5.62 25.08
C MET D 87 41.72 4.87 25.99
N ASP D 88 42.39 3.86 25.44
CA ASP D 88 43.31 3.01 26.17
C ASP D 88 44.72 3.17 25.62
N ASN D 89 45.73 3.04 26.48
CA ASN D 89 47.12 3.16 26.06
C ASN D 89 47.36 4.48 25.35
N LEU D 90 46.95 5.55 26.01
CA LEU D 90 47.20 6.87 25.46
C LEU D 90 48.70 7.13 25.34
N GLU D 91 49.08 7.75 24.24
CA GLU D 91 50.45 8.16 23.98
C GLU D 91 50.47 9.66 23.72
N PRO D 92 51.62 10.30 23.91
CA PRO D 92 51.67 11.77 23.75
C PRO D 92 51.06 12.25 22.45
N GLU D 93 51.21 11.48 21.37
CA GLU D 93 50.64 11.87 20.08
C GLU D 93 49.11 11.90 20.10
N ASP D 94 48.48 11.40 21.15
CA ASP D 94 47.03 11.52 21.28
C ASP D 94 46.63 12.87 21.84
N THR D 95 47.58 13.67 22.29
CA THR D 95 47.26 15.00 22.77
C THR D 95 46.57 15.79 21.68
N ALA D 96 45.39 16.34 22.01
CA ALA D 96 44.59 17.08 21.06
C ALA D 96 43.33 17.54 21.77
N VAL D 97 42.65 18.50 21.17
CA VAL D 97 41.27 18.81 21.51
C VAL D 97 40.37 17.78 20.82
N TYR D 98 39.54 17.10 21.61
CA TYR D 98 38.64 16.09 21.06
C TYR D 98 37.26 16.69 20.85
N TYR D 99 36.68 16.44 19.68
CA TYR D 99 35.44 17.06 19.26
C TYR D 99 34.39 16.00 19.01
N CYS D 100 33.20 16.25 19.52
CA CYS D 100 32.04 15.42 19.28
C CYS D 100 31.24 16.04 18.13
N SER D 101 30.65 15.20 17.29
CA SER D 101 29.85 15.68 16.17
C SER D 101 28.65 14.77 15.99
N ALA D 102 27.68 15.25 15.23
CA ALA D 102 26.44 14.49 15.03
C ALA D 102 25.88 14.79 13.63
N ARG D 103 25.23 13.78 13.06
CA ARG D 103 24.58 13.88 11.78
C ARG D 103 23.11 13.53 11.91
N SER D 104 22.25 14.26 11.19
CA SER D 104 20.86 13.87 11.04
C SER D 104 20.58 13.24 9.70
N ARG D 105 21.15 13.78 8.63
CA ARG D 105 21.02 13.18 7.30
C ARG D 105 21.42 11.70 7.30
N GLY D 106 20.69 10.90 6.52
CA GLY D 106 21.12 9.54 6.23
C GLY D 106 22.42 9.54 5.43
N TYR D 107 23.03 8.36 5.27
CA TYR D 107 24.37 8.26 4.71
C TYR D 107 24.67 6.84 4.25
N VAL D 108 25.65 6.72 3.30
CA VAL D 108 26.42 5.50 3.14
C VAL D 108 27.65 5.58 4.04
N LEU D 109 28.17 4.43 4.45
CA LEU D 109 29.24 4.41 5.45
C LEU D 109 30.46 5.25 5.04
N SER D 110 30.80 5.29 3.75
CA SER D 110 32.09 5.86 3.35
C SER D 110 32.23 7.34 3.73
N VAL D 111 31.12 8.09 3.84
CA VAL D 111 31.26 9.53 4.12
C VAL D 111 31.50 9.84 5.60
N LEU D 112 31.39 8.86 6.51
CA LEU D 112 31.40 9.20 7.92
C LEU D 112 32.78 9.58 8.44
N ARG D 113 33.85 9.26 7.71
CA ARG D 113 35.21 9.59 8.16
C ARG D 113 35.56 11.06 7.91
N SER D 114 34.68 11.81 7.27
CA SER D 114 35.03 13.13 6.75
C SER D 114 34.43 14.25 7.62
N VAL D 115 35.22 15.30 7.83
CA VAL D 115 34.75 16.39 8.69
C VAL D 115 33.48 17.02 8.13
N ASP D 116 33.33 17.05 6.81
CA ASP D 116 32.23 17.79 6.19
C ASP D 116 30.91 17.02 6.21
N SER D 117 30.91 15.82 6.74
CA SER D 117 29.72 14.98 6.76
C SER D 117 28.86 15.18 8.01
N TYR D 118 29.16 16.15 8.86
CA TYR D 118 28.45 16.28 10.13
C TYR D 118 27.78 17.62 10.24
N ASP D 119 26.55 17.61 10.73
CA ASP D 119 25.72 18.80 10.80
C ASP D 119 25.92 19.61 12.09
N TYR D 120 26.44 18.99 13.15
CA TYR D 120 26.46 19.63 14.47
C TYR D 120 27.75 19.28 15.19
N TRP D 121 28.33 20.28 15.86
CA TRP D 121 29.64 20.14 16.46
C TRP D 121 29.60 20.63 17.90
N GLY D 122 30.34 19.96 18.76
CA GLY D 122 30.56 20.45 20.10
C GLY D 122 31.79 21.35 20.17
N GLN D 123 32.03 21.92 21.35
CA GLN D 123 33.09 22.91 21.50
C GLN D 123 34.45 22.29 21.83
N GLY D 124 34.51 21.00 22.13
CA GLY D 124 35.78 20.35 22.32
C GLY D 124 36.11 20.14 23.79
N THR D 125 36.97 19.16 24.04
CA THR D 125 37.49 18.87 25.36
C THR D 125 38.94 18.48 25.18
N GLN D 126 39.82 19.04 26.01
CA GLN D 126 41.26 18.92 25.83
C GLN D 126 41.78 17.66 26.51
N VAL D 127 42.51 16.85 25.76
CA VAL D 127 43.17 15.66 26.30
C VAL D 127 44.67 15.87 26.15
N THR D 128 45.38 15.83 27.27
CA THR D 128 46.84 15.98 27.29
C THR D 128 47.44 14.71 27.87
N VAL D 129 48.37 14.09 27.13
CA VAL D 129 49.06 12.87 27.55
C VAL D 129 50.55 13.17 27.67
N SER D 130 51.12 12.92 28.84
CA SER D 130 52.55 13.13 29.07
C SER D 130 53.41 11.92 28.72
N NH4 E . -4.45 -8.00 -16.58
HN1 NH4 E . -4.84 -7.15 -16.88
HN2 NH4 E . -4.78 -8.72 -17.16
HN3 NH4 E . -3.47 -7.95 -16.66
HN4 NH4 E . -4.70 -8.17 -15.65
N NH4 F . -7.00 -26.51 3.82
HN1 NH4 F . -6.78 -25.97 4.60
HN2 NH4 F . -6.69 -26.05 3.01
HN3 NH4 F . -6.56 -27.38 3.88
HN4 NH4 F . -7.97 -26.65 3.78
N NH4 G . -9.86 -11.51 4.44
HN1 NH4 G . -9.27 -10.79 4.75
HN2 NH4 G . -10.40 -11.19 3.69
HN3 NH4 G . -9.32 -12.28 4.16
HN4 NH4 G . -10.46 -11.78 5.17
N NH4 H . -11.14 -17.00 -11.21
HN1 NH4 H . -10.44 -16.56 -10.68
HN2 NH4 H . -11.34 -16.46 -12.00
HN3 NH4 H . -10.83 -17.88 -11.49
HN4 NH4 H . -11.96 -17.09 -10.68
N NH4 I . -18.33 -10.79 3.97
HN1 NH4 I . -18.36 -9.82 4.04
HN2 NH4 I . -19.14 -11.11 3.51
HN3 NH4 I . -17.53 -11.06 3.48
HN4 NH4 I . -18.31 -11.17 4.87
C1 GOL J . -2.43 -21.88 16.75
O1 GOL J . -2.32 -23.28 16.56
C2 GOL J . -3.36 -21.44 15.67
O2 GOL J . -3.23 -22.31 14.60
C3 GOL J . -4.75 -21.50 16.25
O3 GOL J . -4.80 -22.64 16.99
H11 GOL J . -2.79 -21.64 17.61
H12 GOL J . -1.59 -21.42 16.67
HO1 GOL J . -1.68 -23.42 16.00
H2 GOL J . -3.17 -20.54 15.37
HO2 GOL J . -3.20 -23.13 14.92
H31 GOL J . -5.41 -21.47 15.53
H32 GOL J . -4.92 -20.69 16.77
HO3 GOL J . -5.58 -22.68 17.29
CL CL K . -21.91 -6.63 -26.71
S SO4 L . 9.96 -0.78 -17.15
O1 SO4 L . 8.62 -1.33 -16.92
O2 SO4 L . 9.77 0.34 -18.07
O3 SO4 L . 10.58 -0.37 -15.90
O4 SO4 L . 10.85 -1.79 -17.74
N NH4 M . -9.40 -4.08 8.37
HN1 NH4 M . -10.01 -3.35 8.60
HN2 NH4 M . -9.89 -4.76 7.86
HN3 NH4 M . -8.65 -3.75 7.83
HN4 NH4 M . -9.05 -4.48 9.20
N NH4 N . 20.65 -1.72 -3.81
HN1 NH4 N . 21.23 -1.04 -4.22
HN2 NH4 N . 19.74 -1.62 -4.14
HN3 NH4 N . 20.99 -2.62 -4.03
HN4 NH4 N . 20.66 -1.60 -2.84
N NH4 O . 10.05 4.92 -4.75
HN1 NH4 O . 9.63 5.71 -4.35
HN2 NH4 O . 10.14 5.04 -5.72
HN3 NH4 O . 10.93 4.78 -4.35
HN4 NH4 O . 9.49 4.13 -4.58
N NH4 P . -2.60 -1.97 -0.19
HN1 NH4 P . -2.60 -1.22 0.42
HN2 NH4 P . -2.96 -1.70 -1.06
HN3 NH4 P . -1.68 -2.30 -0.30
HN4 NH4 P . -3.15 -2.70 0.17
N NH4 Q . -5.33 -6.71 14.93
HN1 NH4 Q . -4.86 -5.93 14.60
HN2 NH4 Q . -6.09 -6.43 15.48
HN3 NH4 Q . -5.66 -7.24 14.17
HN4 NH4 Q . -4.73 -7.26 15.47
CL CL R . 17.75 7.69 11.66
CL CL S . -11.97 -3.43 -1.01
NA NA T . 10.55 6.34 17.72
NA NA U . 9.31 13.91 15.90
S SO4 V . -37.31 25.71 -13.74
O1 SO4 V . -37.94 25.16 -14.96
O2 SO4 V . -36.42 26.80 -14.13
O3 SO4 V . -36.55 24.69 -13.01
O4 SO4 V . -38.36 26.22 -12.85
S SO4 W . -9.00 35.80 -23.00
O1 SO4 W . -10.06 36.81 -23.03
O2 SO4 W . -8.96 35.05 -24.25
O3 SO4 W . -9.21 34.86 -21.89
O4 SO4 W . -7.73 36.51 -22.82
S SO4 X . -44.02 21.06 -14.81
O1 SO4 X . -45.23 20.75 -15.58
O2 SO4 X . -42.94 21.38 -15.75
O3 SO4 X . -44.28 22.22 -13.96
O4 SO4 X . -43.66 19.91 -13.99
N NH4 Y . -17.10 37.09 -24.67
HN1 NH4 Y . -16.89 38.04 -24.58
HN2 NH4 Y . -17.73 36.96 -25.41
HN3 NH4 Y . -16.28 36.59 -24.85
HN4 NH4 Y . -17.51 36.76 -23.84
C1 GOL Z . -23.79 18.76 -35.32
O1 GOL Z . -23.59 19.88 -34.53
C2 GOL Z . -23.19 17.64 -34.53
O2 GOL Z . -23.14 17.96 -33.19
C3 GOL Z . -24.10 16.42 -34.72
O3 GOL Z . -23.84 15.59 -33.61
H11 GOL Z . -23.36 18.82 -36.18
H12 GOL Z . -24.73 18.58 -35.48
HO1 GOL Z . -22.88 19.74 -34.06
H2 GOL Z . -22.29 17.46 -34.87
HO2 GOL Z . -23.90 17.73 -32.85
H31 GOL Z . -25.03 16.71 -34.78
H32 GOL Z . -23.91 16.00 -35.58
HO3 GOL Z . -24.58 15.48 -33.22
C1 GOL AA . -31.13 12.39 -26.96
O1 GOL AA . -31.46 13.67 -27.46
C2 GOL AA . -32.06 12.22 -25.73
O2 GOL AA . -31.37 12.23 -24.53
C3 GOL AA . -32.81 10.88 -25.92
O3 GOL AA . -33.96 10.96 -25.11
H11 GOL AA . -30.21 12.30 -26.69
H12 GOL AA . -31.30 11.68 -27.60
HO1 GOL AA . -30.94 13.84 -28.09
H2 GOL AA . -32.67 12.98 -25.71
HO2 GOL AA . -31.55 11.49 -24.13
H31 GOL AA . -32.22 10.15 -25.68
H32 GOL AA . -33.00 10.76 -26.86
HO3 GOL AA . -34.00 10.24 -24.66
C1 GOL BA . -17.04 10.82 1.25
O1 GOL BA . -16.01 11.75 1.33
C2 GOL BA . -17.98 11.23 0.08
O2 GOL BA . -17.55 10.73 -1.12
C3 GOL BA . -19.33 10.67 0.50
O3 GOL BA . -19.96 10.18 -0.65
H11 GOL BA . -16.72 9.92 1.10
H12 GOL BA . -17.56 10.78 2.07
HO1 GOL BA . -15.52 11.51 1.98
H2 GOL BA . -18.01 12.20 -0.04
HO2 GOL BA . -17.94 9.99 -1.22
H31 GOL BA . -19.19 9.99 1.18
H32 GOL BA . -19.84 11.37 0.94
HO3 GOL BA . -20.43 9.49 -0.42
C1 GOL CA . -16.94 35.51 -27.57
O1 GOL CA . -15.92 36.45 -27.42
C2 GOL CA . -17.84 35.98 -28.67
O2 GOL CA . -17.24 36.92 -29.47
C3 GOL CA . -18.18 34.65 -29.42
O3 GOL CA . -18.50 33.63 -28.42
H11 GOL CA . -16.60 34.63 -27.79
H12 GOL CA . -17.46 35.39 -26.76
HO1 GOL CA . -15.45 36.41 -28.12
H2 GOL CA . -18.63 36.43 -28.33
HO2 GOL CA . -17.67 36.92 -30.22
H31 GOL CA . -18.92 34.82 -30.02
H32 GOL CA . -17.44 34.41 -29.98
HO3 GOL CA . -19.29 33.36 -28.57
C1 GOL DA . -20.56 31.80 -30.54
O1 GOL DA . -19.69 32.22 -31.55
C2 GOL DA . -20.75 30.34 -30.91
O2 GOL DA . -20.70 29.49 -29.84
C3 GOL DA . -22.12 30.25 -31.54
O3 GOL DA . -22.86 29.44 -30.68
H11 GOL DA . -20.20 31.88 -29.65
H12 GOL DA . -21.41 32.27 -30.53
HO1 GOL DA . -19.86 33.02 -31.70
H2 GOL DA . -20.04 30.08 -31.52
HO2 GOL DA . -21.05 29.88 -29.20
H31 GOL DA . -22.04 29.89 -32.44
H32 GOL DA . -22.48 31.15 -31.65
HO3 GOL DA . -22.39 28.73 -30.52
S SO4 EA . 11.38 17.40 18.22
O1 SO4 EA . 12.23 18.60 18.24
O2 SO4 EA . 10.75 17.28 16.91
O3 SO4 EA . 10.35 17.55 19.24
O4 SO4 EA . 12.16 16.20 18.51
S SO4 FA . 38.15 21.14 28.77
O1 SO4 FA . 36.92 20.56 28.24
O2 SO4 FA . 38.53 22.29 27.95
O3 SO4 FA . 37.95 21.58 30.16
O4 SO4 FA . 39.23 20.16 28.75
S SO4 GA . 12.99 21.41 9.37
O1 SO4 GA . 12.27 22.20 8.38
O2 SO4 GA . 14.42 21.47 9.12
O3 SO4 GA . 12.72 21.96 10.70
O4 SO4 GA . 12.52 20.01 9.33
C1 GOL HA . 14.87 11.12 20.45
O1 GOL HA . 16.00 10.69 21.13
C2 GOL HA . 13.77 11.08 21.49
O2 GOL HA . 14.28 10.65 22.71
C3 GOL HA . 13.20 12.50 21.53
O3 GOL HA . 12.56 12.69 20.29
H11 GOL HA . 14.95 12.02 20.10
H12 GOL HA . 14.63 10.56 19.70
HO1 GOL HA . 16.16 9.89 20.85
H2 GOL HA . 13.07 10.46 21.24
HO2 GOL HA . 15.01 11.06 22.84
H31 GOL HA . 12.60 12.59 22.29
H32 GOL HA . 13.92 13.14 21.69
HO3 GOL HA . 11.79 13.02 20.45
C1 GOL IA . 21.59 -1.98 21.26
O1 GOL IA . 22.93 -1.66 20.94
C2 GOL IA . 20.98 -0.59 21.23
O2 GOL IA . 20.61 -0.20 19.92
C3 GOL IA . 19.74 -0.50 22.09
O3 GOL IA . 19.16 0.77 21.79
H11 GOL IA . 21.16 -2.57 20.62
H12 GOL IA . 21.47 -2.39 22.13
HO1 GOL IA . 23.41 -1.92 21.59
H2 GOL IA . 21.66 -0.02 21.59
HO2 GOL IA . 19.87 -0.63 19.72
H31 GOL IA . 19.15 -1.25 21.90
H32 GOL IA . 20.00 -0.60 23.03
HO3 GOL IA . 18.87 0.74 20.98
C1 GOL JA . 34.39 18.06 32.19
O1 GOL JA . 33.06 18.42 32.39
C2 GOL JA . 34.45 16.56 32.43
O2 GOL JA . 35.75 16.10 32.25
C3 GOL JA . 33.94 16.30 33.86
O3 GOL JA . 33.93 14.90 34.01
H11 GOL JA . 34.70 18.26 31.30
H12 GOL JA . 34.99 18.51 32.80
HO1 GOL JA . 32.98 19.19 32.07
H2 GOL JA . 33.88 16.10 31.80
HO2 GOL JA . 36.29 16.75 32.40
H31 GOL JA . 33.07 16.70 33.97
H32 GOL JA . 34.51 16.75 34.49
HO3 GOL JA . 34.67 14.68 34.39
C1 GOL KA . 27.93 16.65 1.53
O1 GOL KA . 28.23 17.04 2.87
C2 GOL KA . 27.20 15.31 1.59
O2 GOL KA . 26.54 15.05 0.40
C3 GOL KA . 28.27 14.24 1.85
O3 GOL KA . 28.02 13.76 3.15
H11 GOL KA . 27.38 17.30 1.08
H12 GOL KA . 28.72 16.56 0.99
HO1 GOL KA . 27.80 16.51 3.39
H2 GOL KA . 26.54 15.34 2.31
HO2 GOL KA . 27.16 14.92 -0.20
H31 GOL KA . 28.20 13.55 1.17
H32 GOL KA . 29.15 14.62 1.74
HO3 GOL KA . 27.24 13.39 3.12
CL CL LA . 33.33 0.53 26.26
NA NA MA . 17.22 8.51 19.40
#